data_6ZAA
#
_entry.id   6ZAA
#
_cell.length_a   140.052
_cell.length_b   64.561
_cell.length_c   115.464
_cell.angle_alpha   90.000
_cell.angle_beta   101.990
_cell.angle_gamma   90.000
#
_symmetry.space_group_name_H-M   'C 1 2 1'
#
loop_
_entity.id
_entity.type
_entity.pdbx_description
1 polymer 'Phosphatidylinositol 4,5-bisphosphate 3-kinase catalytic subunit delta isoform'
2 non-polymer 4-[6-methoxy-5-(methylsulfamoyl)pyridin-3-yl]-~{N}-(1-methylpiperidin-4-yl)-2,3-dihydro-1,4-benzoxazine-6-carboxamide
3 water water
#
_entity_poly.entity_id   1
_entity_poly.type   'polypeptide(L)'
_entity_poly.pdbx_seq_one_letter_code
;GGDRVKKLINSQISLLIGKGLHEFDSLRDPEVNDFRTKMRQFCEEAAAHRQQLGWVEWLQYSFPLQLEPSARGWRAGLLR
VSNRALLVNVKFEGSEESFTFQVSTKDMPLALMACALRKKATVFRQPLVEQPEEYALQVNGRHEYLYGNYPLCHFQYICS
CLHSGLTPHLTMVHSSSILAMRDEQSNPAPQVQKPRAKPPPIPAKKPSSVSLWSLEQPFSIELIEGRKVNADERMKLVVQ
AGLFHGNEMLCKTVSSSEVNVCSEPVWKQRLEFDISVCDLPRMARLCFALYAVVEKAKKARSTKKKSKKADCPIAWANLM
LFDYKDQLKTGERCLYMWPSVPDEKGELLNPAGTVRGNPNTESAAALVIYLPEVAPHPVYFPALEKILELGRHGERGRIT
EEEQLQLREILERRGSGELYEHEKDLVWKMRHEVQEHFPEALARLLLVTKWNKHEDVAQMLYLLCSWPELPVLSALELLD
FSFPDCYVGSFAIKSLRKLTDDELFQYLLQLVQVLKYESYLDCELTKFLLGRALANRKIGHFLFWHLRSEMHVPSVALRF
GLIMEAYCRGSTHHMKVLMKQGEALSKLKALNDFVKVSSQKTTKPQTKEMMHMCMRQETYMEALSHLQSPLDPSTLLEEV
CVEQCTFMDSKMKPLWIMYSSEEAGSAGNVGIIFKNGDDLRQDMLTLQMIQLMDVLWKQEGLDLRMTPYGCLPTGDRTGL
IEVVLHSDTIANIQLNKSNMAATAAFNKDALLNWLKSKNPGEALDRAIEEFTLSCAGYCVATYVLGIGDRHSDNIMIRES
GQLFHIDFGHFLGNFKTKFGINRERVPFILTYDFVHVIQQGKTNNSEKFERFRGYCERAYTILRRHGLLFLHLFALMRAA
GLPELSCSKDIQYLKDSLALGKTEEEALKHFRVKFNEALRESWKTKVNWLAHNVSKDNRQ
;
_entity_poly.pdbx_strand_id   A
#
# COMPACT_ATOMS: atom_id res chain seq x y z
N ASP A 3 -35.24 10.62 -11.59
CA ASP A 3 -34.50 11.55 -10.73
C ASP A 3 -33.30 12.16 -11.45
N ARG A 4 -33.34 13.49 -11.68
CA ARG A 4 -32.28 14.27 -12.33
C ARG A 4 -31.01 14.32 -11.47
N VAL A 5 -31.19 14.17 -10.14
CA VAL A 5 -30.12 14.17 -9.12
C VAL A 5 -29.18 12.99 -9.36
N LYS A 6 -29.77 11.78 -9.50
CA LYS A 6 -29.08 10.51 -9.72
C LYS A 6 -28.32 10.46 -11.07
N LYS A 7 -28.96 10.90 -12.19
CA LYS A 7 -28.33 10.93 -13.52
C LYS A 7 -27.05 11.75 -13.54
N LEU A 8 -27.02 12.91 -12.84
CA LEU A 8 -25.82 13.76 -12.76
C LEU A 8 -24.75 13.02 -11.96
N ILE A 9 -25.12 12.45 -10.80
CA ILE A 9 -24.22 11.64 -9.95
C ILE A 9 -23.60 10.50 -10.78
N ASN A 10 -24.42 9.82 -11.61
CA ASN A 10 -24.07 8.72 -12.51
C ASN A 10 -22.99 9.07 -13.54
N SER A 11 -23.08 10.27 -14.17
CA SER A 11 -22.10 10.75 -15.16
C SER A 11 -20.79 11.12 -14.51
N GLN A 12 -20.88 11.72 -13.31
CA GLN A 12 -19.78 12.14 -12.44
C GLN A 12 -18.97 10.94 -11.98
N ILE A 13 -19.64 9.81 -11.58
CA ILE A 13 -19.00 8.55 -11.16
C ILE A 13 -18.25 7.97 -12.35
N SER A 14 -18.92 7.90 -13.51
CA SER A 14 -18.34 7.39 -14.74
C SER A 14 -17.06 8.19 -15.10
N LEU A 15 -17.17 9.55 -15.05
CA LEU A 15 -16.05 10.49 -15.28
C LEU A 15 -14.88 10.18 -14.34
N LEU A 16 -15.14 10.21 -13.02
CA LEU A 16 -14.16 9.97 -11.97
C LEU A 16 -13.42 8.62 -12.06
N ILE A 17 -14.09 7.57 -12.49
CA ILE A 17 -13.50 6.23 -12.57
C ILE A 17 -12.95 5.91 -13.99
N GLY A 18 -13.14 6.85 -14.92
CA GLY A 18 -12.70 6.73 -16.29
C GLY A 18 -13.19 5.45 -16.94
N LYS A 19 -14.49 5.12 -16.69
CA LYS A 19 -15.23 3.97 -17.21
C LYS A 19 -16.71 4.26 -17.04
N GLY A 20 -17.44 4.13 -18.15
CA GLY A 20 -18.88 4.38 -18.20
C GLY A 20 -19.65 3.34 -17.43
N LEU A 21 -20.70 3.75 -16.69
CA LEU A 21 -21.49 2.83 -15.90
C LEU A 21 -22.37 1.96 -16.76
N HIS A 22 -22.60 2.39 -18.03
CA HIS A 22 -23.36 1.66 -19.06
C HIS A 22 -22.59 0.40 -19.52
N GLU A 23 -21.24 0.42 -19.36
CA GLU A 23 -20.33 -0.66 -19.70
C GLU A 23 -20.61 -1.88 -18.81
N PHE A 24 -20.99 -1.65 -17.53
CA PHE A 24 -21.30 -2.69 -16.53
C PHE A 24 -22.62 -3.41 -16.85
N ASP A 25 -23.65 -2.64 -17.23
CA ASP A 25 -24.98 -3.16 -17.56
C ASP A 25 -25.01 -3.82 -18.94
N SER A 26 -23.94 -3.64 -19.74
CA SER A 26 -23.77 -4.21 -21.07
C SER A 26 -23.13 -5.62 -21.00
N LEU A 27 -22.70 -6.03 -19.79
CA LEU A 27 -22.10 -7.34 -19.52
C LEU A 27 -23.17 -8.40 -19.40
N ARG A 28 -24.40 -7.98 -19.03
CA ARG A 28 -25.58 -8.83 -18.75
C ARG A 28 -25.32 -9.79 -17.55
N ASP A 29 -24.11 -9.72 -16.95
CA ASP A 29 -23.59 -10.50 -15.82
C ASP A 29 -24.38 -10.31 -14.50
N PRO A 30 -24.88 -11.40 -13.86
CA PRO A 30 -25.60 -11.23 -12.58
C PRO A 30 -24.68 -10.97 -11.39
N GLU A 31 -23.44 -11.52 -11.38
CA GLU A 31 -22.52 -11.30 -10.27
C GLU A 31 -22.20 -9.81 -10.15
N VAL A 32 -21.99 -9.16 -11.31
CA VAL A 32 -21.69 -7.73 -11.42
C VAL A 32 -22.88 -6.90 -10.91
N ASN A 33 -24.12 -7.28 -11.31
CA ASN A 33 -25.36 -6.61 -10.94
C ASN A 33 -25.68 -6.81 -9.46
N ASP A 34 -25.49 -8.02 -8.92
CA ASP A 34 -25.73 -8.33 -7.50
C ASP A 34 -24.73 -7.56 -6.62
N PHE A 35 -23.44 -7.50 -7.02
CA PHE A 35 -22.41 -6.73 -6.29
C PHE A 35 -22.77 -5.26 -6.28
N ARG A 36 -23.19 -4.72 -7.43
CA ARG A 36 -23.60 -3.33 -7.57
C ARG A 36 -24.71 -3.01 -6.58
N THR A 37 -25.87 -3.70 -6.70
CA THR A 37 -27.04 -3.53 -5.84
C THR A 37 -26.71 -3.67 -4.33
N LYS A 38 -26.03 -4.77 -3.95
CA LYS A 38 -25.67 -5.09 -2.57
C LYS A 38 -24.69 -4.08 -2.03
N MET A 39 -23.65 -3.75 -2.79
CA MET A 39 -22.66 -2.78 -2.31
C MET A 39 -23.23 -1.37 -2.23
N ARG A 40 -24.06 -0.94 -3.20
CA ARG A 40 -24.72 0.37 -3.11
C ARG A 40 -25.53 0.43 -1.78
N GLN A 41 -26.22 -0.68 -1.39
CA GLN A 41 -27.03 -0.80 -0.18
C GLN A 41 -26.14 -0.61 1.01
N PHE A 42 -25.09 -1.44 1.10
CA PHE A 42 -24.13 -1.40 2.20
C PHE A 42 -23.56 0.02 2.41
N CYS A 43 -23.18 0.71 1.32
CA CYS A 43 -22.55 2.04 1.29
C CYS A 43 -23.51 3.20 1.58
N GLU A 44 -24.75 3.14 1.10
CA GLU A 44 -25.74 4.18 1.41
C GLU A 44 -26.13 4.13 2.91
N GLU A 45 -26.10 2.91 3.54
CA GLU A 45 -26.35 2.66 4.98
C GLU A 45 -25.27 3.40 5.80
N ALA A 46 -24.01 3.35 5.28
CA ALA A 46 -22.83 4.01 5.83
C ALA A 46 -22.96 5.53 5.66
N ALA A 47 -23.39 5.99 4.47
CA ALA A 47 -23.60 7.40 4.18
C ALA A 47 -24.63 7.99 5.14
N ALA A 48 -25.72 7.21 5.44
CA ALA A 48 -26.78 7.60 6.36
C ALA A 48 -26.25 7.69 7.80
N HIS A 49 -25.52 6.68 8.27
CA HIS A 49 -24.89 6.63 9.59
C HIS A 49 -24.04 7.87 9.85
N ARG A 50 -23.25 8.23 8.87
CA ARG A 50 -22.29 9.31 8.93
C ARG A 50 -22.90 10.70 9.00
N GLN A 51 -23.95 10.95 8.22
CA GLN A 51 -24.60 12.24 8.16
C GLN A 51 -25.30 12.60 9.45
N GLN A 52 -25.53 11.56 10.32
CA GLN A 52 -26.14 11.70 11.63
C GLN A 52 -25.14 11.55 12.79
N LEU A 53 -23.82 11.42 12.51
CA LEU A 53 -22.74 11.33 13.51
C LEU A 53 -22.64 12.59 14.37
N GLY A 54 -22.09 12.44 15.58
CA GLY A 54 -21.85 13.55 16.48
C GLY A 54 -20.78 14.47 15.91
N TRP A 55 -20.61 15.68 16.45
CA TRP A 55 -19.64 16.57 15.85
C TRP A 55 -18.21 16.12 16.08
N VAL A 56 -17.88 15.54 17.25
CA VAL A 56 -16.53 15.02 17.54
C VAL A 56 -16.32 13.76 16.71
N GLU A 57 -17.35 12.94 16.56
CA GLU A 57 -17.33 11.71 15.74
C GLU A 57 -17.17 12.06 14.31
N TRP A 58 -17.79 13.18 13.85
CA TRP A 58 -17.64 13.59 12.46
C TRP A 58 -16.23 14.10 12.17
N LEU A 59 -15.52 14.63 13.18
CA LEU A 59 -14.13 15.08 13.08
C LEU A 59 -13.27 13.86 12.89
N GLN A 60 -13.50 12.80 13.69
CA GLN A 60 -12.78 11.52 13.62
C GLN A 60 -12.89 10.85 12.26
N TYR A 61 -13.96 11.13 11.50
CA TYR A 61 -14.19 10.62 10.16
C TYR A 61 -13.41 11.49 9.17
N SER A 62 -13.67 12.82 9.21
CA SER A 62 -13.16 13.78 8.22
C SER A 62 -11.68 14.11 8.36
N PHE A 63 -11.29 14.44 9.59
CA PHE A 63 -9.99 14.82 10.04
C PHE A 63 -9.45 13.77 11.09
N PRO A 64 -9.25 12.48 10.70
CA PRO A 64 -8.67 11.54 11.67
C PRO A 64 -7.31 12.04 12.18
N LEU A 65 -7.08 11.94 13.52
CA LEU A 65 -5.83 12.38 14.19
C LEU A 65 -4.55 11.82 13.64
N GLN A 66 -3.61 12.75 13.36
CA GLN A 66 -2.25 12.50 12.89
C GLN A 66 -1.35 12.58 14.10
N LEU A 67 -1.23 11.47 14.81
CA LEU A 67 -0.45 11.35 16.05
C LEU A 67 0.99 10.87 15.78
N GLU A 68 1.89 11.07 16.75
CA GLU A 68 3.27 10.62 16.69
C GLU A 68 3.27 9.12 16.98
N PRO A 69 4.15 8.30 16.30
CA PRO A 69 4.15 6.84 16.56
C PRO A 69 4.26 6.44 18.03
N SER A 70 4.97 7.25 18.83
CA SER A 70 5.21 7.10 20.27
C SER A 70 3.91 7.26 21.08
N ALA A 71 3.03 8.16 20.60
CA ALA A 71 1.74 8.49 21.23
C ALA A 71 0.69 7.42 21.05
N ARG A 72 0.70 6.72 19.89
CA ARG A 72 -0.29 5.70 19.44
C ARG A 72 -0.37 4.43 20.30
N GLY A 73 -1.58 3.84 20.34
CA GLY A 73 -1.88 2.62 21.07
C GLY A 73 -1.64 2.66 22.56
N ASN A 83 6.37 18.44 29.86
CA ASN A 83 7.81 18.57 29.99
C ASN A 83 8.24 19.96 29.52
N ARG A 84 8.65 20.09 28.24
CA ARG A 84 9.14 21.30 27.54
C ARG A 84 8.14 22.50 27.47
N ALA A 85 8.69 23.70 27.22
CA ALA A 85 7.97 24.96 27.05
C ALA A 85 7.70 25.12 25.54
N LEU A 86 6.45 25.41 25.19
CA LEU A 86 5.99 25.52 23.80
C LEU A 86 5.21 26.84 23.59
N LEU A 87 5.47 27.52 22.47
CA LEU A 87 4.78 28.76 22.14
C LEU A 87 3.81 28.52 20.95
N VAL A 88 2.50 28.82 21.16
CA VAL A 88 1.42 28.59 20.20
C VAL A 88 0.64 29.88 19.86
N ASN A 89 0.24 30.08 18.57
CA ASN A 89 -0.57 31.22 18.12
C ASN A 89 -1.97 30.73 17.79
N VAL A 90 -2.95 31.24 18.53
CA VAL A 90 -4.33 30.82 18.36
C VAL A 90 -5.19 31.99 17.90
N LYS A 91 -6.09 31.73 16.91
CA LYS A 91 -7.07 32.66 16.39
C LYS A 91 -8.47 32.07 16.49
N PHE A 92 -9.50 32.89 16.29
CA PHE A 92 -10.88 32.42 16.34
C PHE A 92 -11.49 32.56 14.99
N GLU A 93 -11.98 31.46 14.43
CA GLU A 93 -12.63 31.40 13.12
C GLU A 93 -13.42 32.68 12.80
N GLY A 94 -13.03 33.35 11.72
CA GLY A 94 -13.68 34.59 11.27
C GLY A 94 -13.17 35.87 11.93
N SER A 95 -11.82 35.93 12.17
CA SER A 95 -11.15 37.08 12.80
C SER A 95 -9.69 37.12 12.41
N GLU A 96 -9.18 38.35 12.21
CA GLU A 96 -7.80 38.64 11.83
C GLU A 96 -6.93 38.50 13.08
N GLU A 97 -7.43 39.05 14.21
CA GLU A 97 -6.83 39.09 15.55
C GLU A 97 -6.45 37.69 16.07
N SER A 98 -5.18 37.53 16.45
CA SER A 98 -4.67 36.29 17.00
C SER A 98 -3.93 36.52 18.31
N PHE A 99 -3.89 35.48 19.16
CA PHE A 99 -3.25 35.47 20.47
C PHE A 99 -2.12 34.43 20.52
N THR A 100 -0.90 34.90 20.76
CA THR A 100 0.26 34.01 20.91
C THR A 100 0.39 33.79 22.40
N PHE A 101 0.60 32.54 22.82
CA PHE A 101 0.77 32.27 24.24
C PHE A 101 1.60 31.06 24.52
N GLN A 102 2.15 31.04 25.73
CA GLN A 102 2.99 29.98 26.23
C GLN A 102 2.12 28.88 26.79
N VAL A 103 2.53 27.63 26.57
CA VAL A 103 1.90 26.41 27.05
C VAL A 103 3.01 25.36 27.24
N SER A 104 2.66 24.21 27.81
CA SER A 104 3.55 23.09 28.01
C SER A 104 3.27 22.04 26.94
N THR A 105 4.31 21.27 26.59
CA THR A 105 4.21 20.17 25.63
C THR A 105 3.36 19.03 26.26
N LYS A 106 3.17 19.06 27.61
CA LYS A 106 2.37 18.12 28.40
C LYS A 106 0.88 18.56 28.56
N ASP A 107 0.50 19.74 28.00
CA ASP A 107 -0.87 20.26 28.07
C ASP A 107 -1.77 19.57 27.05
N MET A 108 -3.05 19.41 27.39
CA MET A 108 -4.01 18.81 26.46
C MET A 108 -4.78 19.89 25.69
N PRO A 109 -5.30 19.67 24.45
CA PRO A 109 -5.93 20.79 23.73
C PRO A 109 -6.97 21.58 24.53
N LEU A 110 -7.64 20.97 25.53
CA LEU A 110 -8.67 21.65 26.35
C LEU A 110 -8.14 22.82 27.16
N ALA A 111 -6.91 22.68 27.65
CA ALA A 111 -6.23 23.72 28.40
C ALA A 111 -5.88 24.92 27.44
N LEU A 112 -5.48 24.60 26.18
CA LEU A 112 -5.15 25.58 25.13
C LEU A 112 -6.43 26.34 24.72
N MET A 113 -7.56 25.62 24.64
CA MET A 113 -8.84 26.24 24.29
C MET A 113 -9.36 27.14 25.41
N ALA A 114 -9.11 26.73 26.68
CA ALA A 114 -9.46 27.51 27.87
C ALA A 114 -8.59 28.75 27.95
N CYS A 115 -7.33 28.71 27.45
CA CYS A 115 -6.43 29.89 27.39
C CYS A 115 -6.93 30.84 26.32
N ALA A 116 -7.30 30.29 25.14
CA ALA A 116 -7.81 31.04 23.99
C ALA A 116 -9.09 31.77 24.36
N LEU A 117 -10.04 31.09 25.05
CA LEU A 117 -11.30 31.70 25.50
C LEU A 117 -11.08 32.75 26.57
N ARG A 118 -10.17 32.51 27.55
CA ARG A 118 -9.87 33.48 28.61
C ARG A 118 -9.25 34.74 28.05
N LYS A 119 -8.33 34.62 27.06
CA LYS A 119 -7.75 35.79 26.40
C LYS A 119 -8.85 36.53 25.63
N LYS A 120 -9.65 35.80 24.81
CA LYS A 120 -10.80 36.33 24.06
C LYS A 120 -11.74 37.13 24.98
N ALA A 121 -12.12 36.54 26.14
CA ALA A 121 -13.00 37.11 27.16
C ALA A 121 -12.51 38.47 27.68
N THR A 122 -11.21 38.59 28.05
CA THR A 122 -10.64 39.86 28.51
C THR A 122 -10.48 40.87 27.40
N VAL A 123 -10.08 40.43 26.18
CA VAL A 123 -9.92 41.32 25.02
C VAL A 123 -11.29 41.85 24.55
N PHE A 124 -12.21 40.95 24.17
CA PHE A 124 -13.58 41.30 23.73
C PHE A 124 -14.51 41.78 24.87
N ARG A 125 -13.98 41.92 26.11
CA ARG A 125 -14.67 42.41 27.33
C ARG A 125 -16.02 41.71 27.62
N GLN A 126 -16.06 40.38 27.46
CA GLN A 126 -17.29 39.62 27.65
C GLN A 126 -17.16 38.37 28.51
N PRO A 127 -17.98 38.21 29.59
CA PRO A 127 -17.96 36.94 30.35
C PRO A 127 -18.71 35.89 29.52
N LEU A 128 -17.96 35.24 28.61
CA LEU A 128 -18.45 34.30 27.61
C LEU A 128 -19.12 33.04 28.14
N VAL A 129 -20.19 32.59 27.43
CA VAL A 129 -20.94 31.36 27.71
C VAL A 129 -20.12 30.23 27.10
N GLU A 130 -19.24 30.60 26.13
CA GLU A 130 -18.38 29.72 25.34
C GLU A 130 -17.51 28.80 26.20
N GLN A 131 -17.78 27.48 26.05
CA GLN A 131 -17.12 26.38 26.73
C GLN A 131 -15.92 25.85 25.91
N PRO A 132 -14.78 25.44 26.53
CA PRO A 132 -13.65 24.90 25.74
C PRO A 132 -14.01 23.59 25.06
N GLU A 133 -14.93 22.84 25.68
CA GLU A 133 -15.46 21.55 25.22
C GLU A 133 -16.25 21.67 23.91
N GLU A 134 -16.74 22.90 23.58
CA GLU A 134 -17.52 23.22 22.39
C GLU A 134 -16.65 23.55 21.17
N TYR A 135 -15.32 23.35 21.26
CA TYR A 135 -14.38 23.69 20.20
C TYR A 135 -13.38 22.59 19.77
N ALA A 136 -12.79 22.82 18.59
CA ALA A 136 -11.77 22.00 17.97
C ALA A 136 -10.70 22.95 17.39
N LEU A 137 -9.45 22.59 17.54
CA LEU A 137 -8.39 23.40 17.03
C LEU A 137 -8.00 22.99 15.61
N GLN A 138 -8.29 23.80 14.59
CA GLN A 138 -7.83 23.49 13.25
C GLN A 138 -6.39 23.96 13.05
N VAL A 139 -5.64 23.25 12.23
CA VAL A 139 -4.32 23.71 11.84
C VAL A 139 -4.64 24.67 10.66
N ASN A 140 -4.11 25.92 10.72
CA ASN A 140 -4.36 27.00 9.75
C ASN A 140 -4.01 26.59 8.35
N GLY A 141 -5.01 26.68 7.45
CA GLY A 141 -4.92 26.31 6.04
C GLY A 141 -4.60 24.85 5.75
N ARG A 142 -5.02 23.96 6.66
CA ARG A 142 -4.82 22.52 6.53
C ARG A 142 -6.05 21.79 6.97
N HIS A 143 -6.31 20.61 6.39
CA HIS A 143 -7.42 19.77 6.82
C HIS A 143 -6.96 18.84 7.96
N GLU A 144 -6.49 19.49 9.01
CA GLU A 144 -5.90 18.90 10.18
C GLU A 144 -6.49 19.58 11.40
N TYR A 145 -6.81 18.77 12.43
CA TYR A 145 -7.37 19.23 13.70
C TYR A 145 -6.64 18.64 14.89
N LEU A 146 -6.69 19.34 16.00
CA LEU A 146 -6.14 18.86 17.25
C LEU A 146 -7.33 18.79 18.19
N TYR A 147 -7.67 17.56 18.54
CA TYR A 147 -8.73 17.24 19.48
C TYR A 147 -8.28 15.98 20.21
N GLY A 148 -9.08 15.53 21.18
CA GLY A 148 -8.76 14.38 22.02
C GLY A 148 -7.93 14.79 23.23
N ASN A 149 -7.89 13.92 24.25
CA ASN A 149 -7.11 14.18 25.47
C ASN A 149 -5.69 13.61 25.30
N TYR A 150 -4.89 14.30 24.50
CA TYR A 150 -3.51 13.92 24.23
C TYR A 150 -2.64 15.10 24.53
N PRO A 151 -1.48 14.92 25.23
CA PRO A 151 -0.55 16.04 25.40
C PRO A 151 -0.10 16.52 24.04
N LEU A 152 -0.06 17.84 23.85
CA LEU A 152 0.26 18.51 22.60
C LEU A 152 1.45 17.93 21.83
N CYS A 153 2.49 17.43 22.51
CA CYS A 153 3.65 16.83 21.82
C CYS A 153 3.28 15.55 21.03
N HIS A 154 2.22 14.86 21.45
CA HIS A 154 1.71 13.64 20.83
C HIS A 154 1.16 13.82 19.40
N PHE A 155 0.81 15.07 19.02
CA PHE A 155 0.29 15.43 17.70
C PHE A 155 1.47 15.66 16.76
N GLN A 156 1.39 15.12 15.53
CA GLN A 156 2.43 15.25 14.49
C GLN A 156 2.79 16.69 14.17
N TYR A 157 1.79 17.58 14.05
CA TYR A 157 1.93 19.01 13.73
C TYR A 157 2.68 19.73 14.81
N ILE A 158 2.41 19.42 16.08
CA ILE A 158 3.09 20.09 17.18
C ILE A 158 4.51 19.63 17.22
N CYS A 159 4.70 18.31 17.40
CA CYS A 159 6.02 17.67 17.43
C CYS A 159 6.89 18.08 16.22
N SER A 160 6.31 18.13 15.01
CA SER A 160 7.02 18.57 13.82
C SER A 160 7.46 20.05 13.99
N CYS A 161 6.55 20.93 14.47
CA CYS A 161 6.79 22.36 14.68
C CYS A 161 7.98 22.63 15.61
N LEU A 162 8.11 21.83 16.69
CA LEU A 162 9.20 21.94 17.67
C LEU A 162 10.55 21.65 16.99
N HIS A 163 10.60 20.61 16.12
CA HIS A 163 11.84 20.23 15.42
C HIS A 163 12.32 21.26 14.41
N SER A 164 11.38 21.90 13.70
CA SER A 164 11.66 22.95 12.73
C SER A 164 11.84 24.31 13.43
N GLY A 165 11.47 24.36 14.72
CA GLY A 165 11.51 25.58 15.54
C GLY A 165 10.44 26.58 15.14
N LEU A 166 9.36 26.11 14.49
CA LEU A 166 8.25 26.96 14.08
C LEU A 166 7.19 27.06 15.19
N THR A 167 6.27 28.04 15.05
CA THR A 167 5.19 28.27 16.01
C THR A 167 3.90 27.58 15.51
N PRO A 168 3.28 26.68 16.32
CA PRO A 168 1.99 26.12 15.93
C PRO A 168 0.97 27.25 15.69
N HIS A 169 0.25 27.19 14.57
CA HIS A 169 -0.76 28.18 14.21
C HIS A 169 -2.11 27.46 14.15
N LEU A 170 -2.98 27.78 15.13
CA LEU A 170 -4.29 27.15 15.29
C LEU A 170 -5.45 28.10 15.23
N THR A 171 -6.61 27.59 14.82
CA THR A 171 -7.86 28.33 14.76
C THR A 171 -8.84 27.57 15.63
N MET A 172 -9.52 28.28 16.55
CA MET A 172 -10.56 27.81 17.45
C MET A 172 -11.83 27.70 16.60
N VAL A 173 -12.21 26.47 16.29
CA VAL A 173 -13.36 26.16 15.44
C VAL A 173 -14.52 25.66 16.33
N HIS A 174 -15.68 26.35 16.28
CA HIS A 174 -16.83 26.00 17.09
C HIS A 174 -17.63 24.86 16.50
N SER A 175 -18.15 23.98 17.38
CA SER A 175 -18.95 22.82 17.06
C SER A 175 -19.99 23.09 15.99
N SER A 176 -20.58 24.31 15.98
CA SER A 176 -21.60 24.75 15.01
C SER A 176 -21.06 24.77 13.55
N SER A 177 -19.83 25.29 13.34
CA SER A 177 -19.27 25.33 11.99
C SER A 177 -18.91 23.92 11.50
N ILE A 178 -18.49 23.01 12.42
CA ILE A 178 -18.20 21.59 12.13
C ILE A 178 -19.50 20.89 11.69
N LEU A 179 -20.64 21.26 12.29
CA LEU A 179 -21.95 20.70 11.89
C LEU A 179 -22.40 21.30 10.59
N ALA A 180 -21.96 22.53 10.31
CA ALA A 180 -22.19 23.20 9.03
C ALA A 180 -21.40 22.43 7.94
N MET A 181 -20.18 21.94 8.27
CA MET A 181 -19.34 21.14 7.37
C MET A 181 -20.03 19.84 7.04
N ARG A 182 -20.55 19.12 8.07
CA ARG A 182 -21.22 17.83 7.91
C ARG A 182 -22.45 17.97 7.07
N ASP A 183 -23.26 18.98 7.36
CA ASP A 183 -24.51 19.20 6.63
C ASP A 183 -24.27 19.52 5.15
N GLU A 184 -23.30 20.40 4.83
CA GLU A 184 -22.94 20.77 3.46
C GLU A 184 -22.43 19.56 2.65
N GLN A 185 -21.89 18.54 3.36
CA GLN A 185 -21.24 17.38 2.77
C GLN A 185 -22.11 16.10 2.75
N SER A 186 -23.37 16.22 3.22
CA SER A 186 -24.31 15.10 3.21
C SER A 186 -24.66 14.62 1.79
N ASN A 187 -25.10 13.35 1.69
CA ASN A 187 -25.54 12.70 0.45
C ASN A 187 -27.04 13.05 0.27
N PRO A 188 -27.46 13.66 -0.87
CA PRO A 188 -28.89 14.01 -1.02
C PRO A 188 -29.83 12.82 -1.12
N ALA A 189 -31.11 13.05 -0.79
CA ALA A 189 -32.21 12.08 -0.87
C ALA A 189 -32.68 11.92 -2.31
N SER A 211 -26.29 -33.80 -3.21
CA SER A 211 -25.14 -33.33 -2.45
C SER A 211 -23.80 -33.66 -3.13
N LEU A 212 -22.80 -32.75 -2.98
CA LEU A 212 -21.44 -32.90 -3.55
C LEU A 212 -20.71 -34.14 -3.02
N TRP A 213 -20.84 -34.38 -1.70
CA TRP A 213 -20.27 -35.52 -0.97
C TRP A 213 -20.83 -36.89 -1.36
N SER A 214 -21.76 -36.91 -2.33
CA SER A 214 -22.42 -38.11 -2.84
C SER A 214 -22.05 -38.42 -4.30
N LEU A 215 -21.05 -37.70 -4.85
CA LEU A 215 -20.61 -37.84 -6.23
C LEU A 215 -19.15 -38.31 -6.25
N GLU A 216 -18.95 -39.63 -6.12
CA GLU A 216 -17.65 -40.31 -6.05
C GLU A 216 -16.79 -40.25 -7.33
N GLN A 217 -17.42 -40.05 -8.51
CA GLN A 217 -16.77 -40.05 -9.82
C GLN A 217 -15.58 -39.07 -9.94
N PRO A 218 -14.51 -39.42 -10.70
CA PRO A 218 -13.36 -38.50 -10.84
C PRO A 218 -13.67 -37.24 -11.64
N PHE A 219 -12.81 -36.21 -11.52
CA PHE A 219 -13.01 -34.99 -12.26
C PHE A 219 -12.60 -35.20 -13.71
N SER A 220 -13.48 -34.81 -14.63
CA SER A 220 -13.27 -34.86 -16.07
C SER A 220 -13.82 -33.58 -16.70
N ILE A 221 -13.34 -33.28 -17.93
CA ILE A 221 -13.74 -32.13 -18.74
C ILE A 221 -13.47 -32.45 -20.21
N GLU A 222 -14.29 -31.87 -21.12
CA GLU A 222 -14.10 -32.03 -22.56
C GLU A 222 -13.53 -30.72 -23.11
N LEU A 223 -12.27 -30.76 -23.57
CA LEU A 223 -11.55 -29.65 -24.20
C LEU A 223 -12.02 -29.70 -25.67
N ILE A 224 -12.90 -28.75 -26.07
CA ILE A 224 -13.53 -28.75 -27.40
C ILE A 224 -12.59 -28.19 -28.50
N GLU A 225 -12.40 -26.85 -28.55
CA GLU A 225 -11.63 -26.19 -29.59
C GLU A 225 -11.09 -24.82 -29.18
N GLY A 226 -10.08 -24.36 -29.92
CA GLY A 226 -9.48 -23.04 -29.76
C GLY A 226 -9.96 -22.10 -30.85
N ARG A 227 -9.86 -20.79 -30.61
CA ARG A 227 -10.29 -19.74 -31.54
C ARG A 227 -9.28 -18.59 -31.50
N LYS A 228 -9.11 -17.88 -32.64
CA LYS A 228 -8.20 -16.72 -32.79
C LYS A 228 -6.75 -17.00 -32.24
N VAL A 229 -6.26 -18.23 -32.49
CA VAL A 229 -4.97 -18.78 -32.04
C VAL A 229 -3.84 -18.40 -32.99
N ASN A 230 -2.70 -17.96 -32.41
CA ASN A 230 -1.48 -17.58 -33.10
C ASN A 230 -0.29 -18.40 -32.55
N ALA A 231 0.41 -19.09 -33.46
CA ALA A 231 1.58 -19.94 -33.24
C ALA A 231 2.21 -20.26 -34.60
N ASP A 232 3.54 -20.54 -34.62
CA ASP A 232 4.27 -20.90 -35.84
C ASP A 232 3.64 -22.15 -36.46
N GLU A 233 3.55 -22.19 -37.81
CA GLU A 233 2.96 -23.30 -38.56
C GLU A 233 3.68 -24.65 -38.39
N ARG A 234 4.98 -24.60 -38.04
CA ARG A 234 5.85 -25.77 -37.85
C ARG A 234 5.48 -26.60 -36.63
N MET A 235 5.04 -25.89 -35.57
CA MET A 235 4.66 -26.39 -34.24
C MET A 235 3.38 -27.24 -34.21
N LYS A 236 3.13 -27.91 -33.07
CA LYS A 236 1.94 -28.74 -32.80
C LYS A 236 1.42 -28.42 -31.40
N LEU A 237 0.25 -27.74 -31.33
CA LEU A 237 -0.43 -27.25 -30.14
C LEU A 237 -0.92 -28.32 -29.18
N VAL A 238 -0.74 -28.05 -27.87
CA VAL A 238 -1.13 -28.88 -26.72
C VAL A 238 -1.70 -27.96 -25.64
N VAL A 239 -2.74 -28.42 -24.94
CA VAL A 239 -3.37 -27.73 -23.80
C VAL A 239 -3.05 -28.55 -22.54
N GLN A 240 -2.49 -27.88 -21.53
CA GLN A 240 -2.18 -28.50 -20.24
C GLN A 240 -3.10 -27.89 -19.20
N ALA A 241 -3.62 -28.72 -18.29
CA ALA A 241 -4.52 -28.29 -17.21
C ALA A 241 -4.25 -28.99 -15.87
N GLY A 242 -4.44 -28.25 -14.79
CA GLY A 242 -4.27 -28.73 -13.42
C GLY A 242 -5.31 -28.16 -12.50
N LEU A 243 -5.61 -28.90 -11.41
CA LEU A 243 -6.59 -28.47 -10.40
C LEU A 243 -5.86 -27.96 -9.20
N PHE A 244 -6.14 -26.70 -8.83
CA PHE A 244 -5.44 -26.08 -7.72
C PHE A 244 -6.33 -25.57 -6.62
N HIS A 245 -5.71 -25.35 -5.47
CA HIS A 245 -6.26 -24.66 -4.31
C HIS A 245 -5.20 -23.56 -3.99
N GLY A 246 -5.30 -22.45 -4.71
CA GLY A 246 -4.32 -21.39 -4.63
C GLY A 246 -3.10 -21.84 -5.41
N ASN A 247 -1.96 -22.04 -4.71
CA ASN A 247 -0.70 -22.52 -5.32
C ASN A 247 -0.70 -24.04 -5.45
N GLU A 248 -0.85 -24.75 -4.31
CA GLU A 248 -0.83 -26.20 -4.18
C GLU A 248 -1.67 -26.95 -5.22
N MET A 249 -1.14 -28.10 -5.70
CA MET A 249 -1.79 -28.97 -6.67
C MET A 249 -2.74 -29.88 -5.91
N LEU A 250 -4.00 -29.97 -6.35
CA LEU A 250 -5.02 -30.85 -5.74
C LEU A 250 -4.78 -32.29 -6.22
N CYS A 251 -4.30 -32.42 -7.46
CA CYS A 251 -3.95 -33.65 -8.12
C CYS A 251 -2.92 -33.38 -9.23
N LYS A 252 -2.28 -34.46 -9.73
CA LYS A 252 -1.26 -34.42 -10.78
C LYS A 252 -1.74 -33.65 -12.02
N THR A 253 -0.82 -32.91 -12.61
CA THR A 253 -1.04 -32.10 -13.80
C THR A 253 -1.27 -33.02 -14.99
N VAL A 254 -2.31 -32.74 -15.80
CA VAL A 254 -2.63 -33.56 -16.98
C VAL A 254 -2.65 -32.72 -18.28
N SER A 255 -1.86 -33.15 -19.28
CA SER A 255 -1.73 -32.53 -20.60
C SER A 255 -2.55 -33.27 -21.66
N SER A 256 -2.79 -32.62 -22.81
CA SER A 256 -3.54 -33.17 -23.95
C SER A 256 -2.62 -33.48 -25.14
N SER A 257 -3.13 -34.21 -26.16
CA SER A 257 -2.39 -34.60 -27.36
C SER A 257 -2.07 -33.42 -28.28
N GLU A 258 -1.10 -33.61 -29.20
CA GLU A 258 -0.62 -32.63 -30.17
C GLU A 258 -1.62 -32.44 -31.33
N VAL A 259 -1.88 -31.17 -31.70
CA VAL A 259 -2.78 -30.76 -32.79
C VAL A 259 -2.02 -29.79 -33.74
N ASN A 260 -2.23 -29.93 -35.08
CA ASN A 260 -1.59 -29.05 -36.05
C ASN A 260 -2.01 -27.60 -35.86
N VAL A 261 -1.05 -26.67 -35.95
CA VAL A 261 -1.26 -25.23 -35.75
C VAL A 261 -2.20 -24.65 -36.83
N CYS A 262 -3.27 -23.98 -36.37
CA CYS A 262 -4.26 -23.21 -37.14
C CYS A 262 -5.03 -22.26 -36.22
N SER A 263 -5.71 -21.24 -36.81
CA SER A 263 -6.51 -20.22 -36.12
C SER A 263 -7.58 -20.85 -35.21
N GLU A 264 -8.13 -22.00 -35.67
CA GLU A 264 -9.14 -22.77 -34.95
C GLU A 264 -8.71 -24.24 -34.72
N PRO A 265 -7.86 -24.53 -33.69
CA PRO A 265 -7.51 -25.94 -33.43
C PRO A 265 -8.70 -26.71 -32.85
N VAL A 266 -8.78 -28.03 -33.09
CA VAL A 266 -9.91 -28.86 -32.64
C VAL A 266 -9.44 -30.11 -31.91
N TRP A 267 -9.79 -30.23 -30.62
CA TRP A 267 -9.40 -31.36 -29.78
C TRP A 267 -10.53 -32.34 -29.61
N LYS A 268 -11.61 -31.92 -28.90
CA LYS A 268 -12.81 -32.73 -28.57
C LYS A 268 -12.40 -33.95 -27.68
N GLN A 269 -11.36 -33.75 -26.82
CA GLN A 269 -10.85 -34.82 -25.95
C GLN A 269 -11.11 -34.56 -24.45
N ARG A 270 -11.18 -35.67 -23.69
CA ARG A 270 -11.48 -35.75 -22.26
C ARG A 270 -10.25 -35.92 -21.38
N LEU A 271 -10.07 -35.00 -20.44
CA LEU A 271 -8.95 -35.05 -19.51
C LEU A 271 -9.49 -35.48 -18.14
N GLU A 272 -9.13 -36.70 -17.67
CA GLU A 272 -9.58 -37.19 -16.37
C GLU A 272 -8.52 -37.04 -15.27
N PHE A 273 -8.78 -36.15 -14.30
CA PHE A 273 -7.94 -35.84 -13.12
C PHE A 273 -8.09 -36.91 -12.03
N ASP A 274 -7.03 -37.08 -11.21
CA ASP A 274 -7.01 -38.06 -10.11
C ASP A 274 -7.58 -37.41 -8.83
N ILE A 275 -8.91 -37.22 -8.81
CA ILE A 275 -9.69 -36.63 -7.70
C ILE A 275 -11.21 -36.87 -7.89
N SER A 276 -11.89 -37.33 -6.82
CA SER A 276 -13.34 -37.53 -6.81
C SER A 276 -14.03 -36.15 -6.71
N VAL A 277 -15.27 -36.01 -7.24
CA VAL A 277 -16.05 -34.76 -7.23
C VAL A 277 -16.29 -34.28 -5.78
N CYS A 278 -16.54 -35.20 -4.83
CA CYS A 278 -16.73 -34.88 -3.40
C CYS A 278 -15.47 -34.23 -2.76
N ASP A 279 -14.28 -34.58 -3.25
CA ASP A 279 -13.01 -34.07 -2.77
C ASP A 279 -12.64 -32.68 -3.32
N LEU A 280 -13.43 -32.13 -4.26
CA LEU A 280 -13.17 -30.77 -4.77
C LEU A 280 -13.43 -29.71 -3.68
N PRO A 281 -12.43 -28.85 -3.34
CA PRO A 281 -12.68 -27.82 -2.31
C PRO A 281 -13.54 -26.67 -2.87
N ARG A 282 -14.09 -25.82 -1.98
CA ARG A 282 -14.93 -24.68 -2.39
C ARG A 282 -14.17 -23.75 -3.32
N MET A 283 -12.94 -23.42 -2.93
CA MET A 283 -12.07 -22.50 -3.65
C MET A 283 -11.20 -23.17 -4.75
N ALA A 284 -11.71 -24.28 -5.35
CA ALA A 284 -11.00 -24.99 -6.44
C ALA A 284 -11.08 -24.19 -7.73
N ARG A 285 -9.94 -24.09 -8.40
CA ARG A 285 -9.84 -23.37 -9.66
C ARG A 285 -9.20 -24.24 -10.72
N LEU A 286 -9.84 -24.33 -11.90
CA LEU A 286 -9.36 -25.10 -13.03
C LEU A 286 -8.54 -24.17 -13.90
N CYS A 287 -7.24 -24.45 -13.98
CA CYS A 287 -6.23 -23.65 -14.68
C CYS A 287 -5.70 -24.28 -15.95
N PHE A 288 -5.60 -23.47 -17.01
CA PHE A 288 -5.16 -23.88 -18.36
C PHE A 288 -3.94 -23.12 -18.87
N ALA A 289 -3.09 -23.80 -19.67
CA ALA A 289 -1.88 -23.27 -20.30
C ALA A 289 -1.67 -23.88 -21.70
N LEU A 290 -1.94 -23.08 -22.76
CA LEU A 290 -1.79 -23.49 -24.15
C LEU A 290 -0.34 -23.22 -24.60
N TYR A 291 0.38 -24.28 -25.01
CA TYR A 291 1.77 -24.15 -25.44
C TYR A 291 2.09 -24.97 -26.70
N ALA A 292 2.77 -24.34 -27.67
CA ALA A 292 3.17 -24.96 -28.93
C ALA A 292 4.54 -25.62 -28.75
N VAL A 293 4.73 -26.80 -29.36
CA VAL A 293 5.99 -27.56 -29.31
C VAL A 293 6.34 -28.12 -30.70
N VAL A 294 7.58 -28.61 -30.87
CA VAL A 294 8.05 -29.19 -32.12
C VAL A 294 7.58 -30.65 -32.23
N ASP A 311 9.37 -25.40 -27.99
CA ASP A 311 8.52 -25.23 -26.80
C ASP A 311 8.30 -23.74 -26.49
N CYS A 312 7.02 -23.28 -26.49
CA CYS A 312 6.65 -21.88 -26.20
C CYS A 312 5.22 -21.71 -25.66
N PRO A 313 5.03 -20.93 -24.56
CA PRO A 313 3.67 -20.67 -24.08
C PRO A 313 2.98 -19.58 -24.92
N ILE A 314 1.70 -19.80 -25.29
CA ILE A 314 0.91 -18.86 -26.08
C ILE A 314 0.02 -18.03 -25.16
N ALA A 315 -0.92 -18.69 -24.48
CA ALA A 315 -1.90 -18.06 -23.60
C ALA A 315 -2.27 -18.93 -22.39
N TRP A 316 -2.84 -18.31 -21.35
CA TRP A 316 -3.29 -18.98 -20.14
C TRP A 316 -4.72 -18.50 -19.82
N ALA A 317 -5.48 -19.29 -19.02
CA ALA A 317 -6.84 -18.96 -18.56
C ALA A 317 -7.23 -19.82 -17.38
N ASN A 318 -8.02 -19.26 -16.44
CA ASN A 318 -8.50 -19.96 -15.26
C ASN A 318 -9.96 -19.65 -15.04
N LEU A 319 -10.68 -20.60 -14.41
CA LEU A 319 -12.05 -20.46 -13.96
C LEU A 319 -12.26 -21.18 -12.62
N MET A 320 -13.16 -20.63 -11.78
CA MET A 320 -13.56 -21.28 -10.52
C MET A 320 -14.54 -22.38 -10.93
N LEU A 321 -14.49 -23.56 -10.26
CA LEU A 321 -15.38 -24.70 -10.53
C LEU A 321 -16.78 -24.40 -10.02
N PHE A 322 -16.89 -23.83 -8.82
CA PHE A 322 -18.17 -23.45 -8.25
C PHE A 322 -18.37 -21.97 -8.55
N ASP A 323 -19.59 -21.56 -8.88
CA ASP A 323 -19.95 -20.18 -9.19
C ASP A 323 -19.99 -19.34 -7.90
N TYR A 324 -20.23 -18.01 -8.01
CA TYR A 324 -20.33 -17.10 -6.85
C TYR A 324 -21.48 -17.49 -5.86
N LYS A 325 -22.55 -18.17 -6.37
CA LYS A 325 -23.72 -18.70 -5.63
C LYS A 325 -23.45 -20.12 -5.10
N ASP A 326 -22.17 -20.55 -5.15
CA ASP A 326 -21.61 -21.79 -4.62
C ASP A 326 -22.09 -23.05 -5.36
N GLN A 327 -22.63 -22.89 -6.59
CA GLN A 327 -23.12 -24.01 -7.41
C GLN A 327 -22.02 -24.47 -8.35
N LEU A 328 -21.86 -25.80 -8.51
CA LEU A 328 -20.87 -26.38 -9.41
C LEU A 328 -21.26 -26.05 -10.86
N LYS A 329 -20.31 -25.53 -11.65
CA LYS A 329 -20.56 -25.12 -13.03
C LYS A 329 -20.60 -26.28 -14.00
N THR A 330 -21.58 -26.24 -14.94
CA THR A 330 -21.70 -27.20 -16.05
C THR A 330 -22.14 -26.48 -17.32
N GLY A 331 -21.76 -27.05 -18.46
CA GLY A 331 -22.10 -26.53 -19.77
C GLY A 331 -20.90 -26.07 -20.57
N GLU A 332 -21.16 -25.24 -21.57
CA GLU A 332 -20.13 -24.68 -22.42
C GLU A 332 -19.77 -23.28 -21.93
N ARG A 333 -18.46 -23.02 -21.80
CA ARG A 333 -17.87 -21.74 -21.39
C ARG A 333 -16.79 -21.33 -22.42
N CYS A 334 -16.64 -20.01 -22.63
CA CYS A 334 -15.69 -19.43 -23.59
C CYS A 334 -14.53 -18.81 -22.82
N LEU A 335 -13.41 -19.53 -22.67
CA LEU A 335 -12.27 -18.99 -21.92
C LEU A 335 -11.45 -18.00 -22.75
N TYR A 336 -11.75 -16.68 -22.65
CA TYR A 336 -10.98 -15.63 -23.36
C TYR A 336 -9.63 -15.50 -22.66
N MET A 337 -8.62 -16.16 -23.24
CA MET A 337 -7.26 -16.30 -22.72
C MET A 337 -6.41 -15.02 -22.68
N TRP A 338 -5.50 -14.97 -21.69
CA TRP A 338 -4.55 -13.86 -21.52
C TRP A 338 -3.22 -14.26 -22.12
N PRO A 339 -2.41 -13.32 -22.67
CA PRO A 339 -1.13 -13.72 -23.27
C PRO A 339 -0.12 -14.20 -22.23
N SER A 340 0.53 -15.35 -22.54
CA SER A 340 1.51 -15.98 -21.66
C SER A 340 2.92 -15.45 -21.91
N VAL A 341 3.65 -15.21 -20.80
CA VAL A 341 5.02 -14.68 -20.74
C VAL A 341 5.92 -15.76 -20.10
N LEU A 348 3.62 -25.49 -15.98
CA LEU A 348 3.87 -24.10 -16.35
C LEU A 348 2.58 -23.29 -16.39
N LEU A 349 1.57 -23.75 -15.63
CA LEU A 349 0.22 -23.16 -15.45
C LEU A 349 0.31 -21.93 -14.56
N ASN A 350 -0.71 -21.06 -14.61
CA ASN A 350 -0.73 -19.82 -13.82
C ASN A 350 -1.82 -19.84 -12.74
N PRO A 351 -1.63 -20.57 -11.61
CA PRO A 351 -2.69 -20.66 -10.60
C PRO A 351 -3.15 -19.35 -9.97
N ALA A 352 -2.30 -18.29 -10.00
CA ALA A 352 -2.56 -17.00 -9.39
C ALA A 352 -3.45 -16.04 -10.20
N GLY A 353 -3.26 -16.02 -11.51
CA GLY A 353 -3.97 -15.17 -12.48
C GLY A 353 -5.48 -15.16 -12.41
N THR A 354 -6.09 -14.03 -12.80
CA THR A 354 -7.54 -13.76 -12.77
C THR A 354 -8.38 -14.91 -13.34
N VAL A 355 -9.45 -15.25 -12.62
CA VAL A 355 -10.42 -16.30 -12.97
C VAL A 355 -11.51 -15.71 -13.90
N ARG A 356 -11.24 -14.51 -14.45
CA ARG A 356 -12.08 -13.74 -15.36
C ARG A 356 -11.36 -13.66 -16.69
N GLY A 357 -12.10 -13.87 -17.77
CA GLY A 357 -11.58 -13.85 -19.12
C GLY A 357 -11.07 -12.47 -19.55
N ASN A 358 -10.22 -12.47 -20.59
CA ASN A 358 -9.64 -11.29 -21.23
C ASN A 358 -10.80 -10.44 -21.81
N PRO A 359 -10.97 -9.18 -21.35
CA PRO A 359 -12.12 -8.36 -21.81
C PRO A 359 -12.17 -8.05 -23.30
N ASN A 360 -11.01 -7.85 -23.95
CA ASN A 360 -10.92 -7.60 -25.39
C ASN A 360 -11.20 -8.92 -26.10
N THR A 361 -12.49 -9.23 -26.26
CA THR A 361 -13.02 -10.45 -26.84
C THR A 361 -12.65 -10.61 -28.33
N GLU A 362 -12.20 -9.53 -28.99
CA GLU A 362 -11.80 -9.57 -30.40
C GLU A 362 -10.44 -10.28 -30.54
N SER A 363 -9.34 -9.60 -30.17
CA SER A 363 -7.97 -10.11 -30.26
C SER A 363 -7.74 -11.46 -29.55
N ALA A 364 -8.14 -11.56 -28.25
CA ALA A 364 -7.98 -12.72 -27.36
C ALA A 364 -8.22 -14.08 -28.02
N ALA A 365 -7.29 -15.01 -27.79
CA ALA A 365 -7.39 -16.37 -28.32
C ALA A 365 -8.26 -17.18 -27.36
N ALA A 366 -9.56 -17.33 -27.70
CA ALA A 366 -10.54 -18.04 -26.88
C ALA A 366 -10.31 -19.55 -26.85
N LEU A 367 -10.83 -20.22 -25.81
CA LEU A 367 -10.72 -21.67 -25.65
C LEU A 367 -12.05 -22.22 -25.14
N VAL A 368 -12.77 -22.93 -26.02
CA VAL A 368 -14.09 -23.53 -25.78
C VAL A 368 -13.97 -24.85 -25.03
N ILE A 369 -14.64 -24.92 -23.87
CA ILE A 369 -14.63 -26.10 -23.00
C ILE A 369 -16.04 -26.60 -22.69
N TYR A 370 -16.16 -27.87 -22.28
CA TYR A 370 -17.42 -28.44 -21.85
C TYR A 370 -17.28 -29.02 -20.44
N LEU A 371 -17.90 -28.36 -19.46
CA LEU A 371 -17.92 -28.79 -18.07
C LEU A 371 -19.05 -29.81 -17.98
N PRO A 372 -18.71 -31.10 -17.75
CA PRO A 372 -19.76 -32.15 -17.81
C PRO A 372 -20.69 -32.26 -16.61
N GLU A 373 -21.97 -32.55 -16.90
CA GLU A 373 -23.04 -32.77 -15.92
C GLU A 373 -22.69 -33.97 -15.03
N VAL A 374 -22.50 -33.71 -13.72
CA VAL A 374 -22.17 -34.71 -12.70
C VAL A 374 -23.40 -35.40 -12.10
N ALA A 375 -24.54 -34.69 -12.07
CA ALA A 375 -25.81 -35.17 -11.51
C ALA A 375 -27.01 -34.60 -12.27
N PRO A 376 -28.13 -35.36 -12.43
CA PRO A 376 -29.29 -34.82 -13.16
C PRO A 376 -30.05 -33.67 -12.43
N HIS A 377 -29.42 -33.07 -11.40
CA HIS A 377 -29.96 -31.98 -10.57
C HIS A 377 -28.83 -30.98 -10.26
N PRO A 378 -29.10 -29.67 -10.02
CA PRO A 378 -28.00 -28.74 -9.69
C PRO A 378 -27.36 -29.03 -8.33
N VAL A 379 -26.02 -29.13 -8.32
CA VAL A 379 -25.20 -29.42 -7.13
C VAL A 379 -24.49 -28.15 -6.60
N TYR A 380 -24.77 -27.82 -5.34
CA TYR A 380 -24.18 -26.68 -4.66
C TYR A 380 -23.12 -27.19 -3.68
N PHE A 381 -22.31 -26.28 -3.11
CA PHE A 381 -21.32 -26.69 -2.12
C PHE A 381 -22.00 -26.75 -0.74
N PRO A 382 -21.79 -27.84 0.04
CA PRO A 382 -22.46 -27.95 1.34
C PRO A 382 -22.26 -26.74 2.26
N ALA A 383 -23.33 -26.34 2.96
CA ALA A 383 -23.41 -25.23 3.91
C ALA A 383 -22.39 -25.40 5.05
N LEU A 384 -22.03 -24.31 5.77
CA LEU A 384 -21.07 -24.43 6.88
C LEU A 384 -21.58 -25.38 7.98
N GLU A 385 -22.91 -25.34 8.27
CA GLU A 385 -23.62 -26.21 9.24
C GLU A 385 -23.54 -27.69 8.85
N LYS A 386 -23.45 -28.00 7.54
CA LYS A 386 -23.28 -29.37 7.03
C LYS A 386 -21.80 -29.80 7.20
N ILE A 387 -20.83 -28.90 6.84
CA ILE A 387 -19.36 -29.08 6.94
C ILE A 387 -18.94 -29.34 8.39
N LEU A 388 -19.48 -28.54 9.33
CA LEU A 388 -19.17 -28.64 10.76
C LEU A 388 -19.64 -29.95 11.41
N GLU A 389 -20.72 -30.59 10.88
CA GLU A 389 -21.24 -31.86 11.40
C GLU A 389 -20.23 -32.99 11.18
N LEU A 390 -19.68 -33.05 9.94
CA LEU A 390 -18.69 -34.02 9.49
C LEU A 390 -17.35 -33.83 10.22
N GLY A 391 -16.96 -32.57 10.40
CA GLY A 391 -15.71 -32.18 11.04
C GLY A 391 -15.67 -32.26 12.56
N ARG A 392 -16.87 -32.24 13.20
CA ARG A 392 -17.04 -32.33 14.67
C ARG A 392 -16.61 -33.71 15.15
N HIS A 393 -17.21 -34.76 14.57
CA HIS A 393 -16.90 -36.15 14.92
C HIS A 393 -15.52 -36.52 14.38
N GLY A 394 -14.51 -36.33 15.24
CA GLY A 394 -13.10 -36.61 14.97
C GLY A 394 -12.45 -37.42 16.07
N GLU A 395 -11.22 -37.90 15.81
CA GLU A 395 -10.46 -38.68 16.79
C GLU A 395 -9.33 -37.80 17.33
N ARG A 396 -9.21 -37.74 18.67
CA ARG A 396 -8.19 -36.92 19.33
C ARG A 396 -6.87 -37.67 19.53
N GLY A 397 -5.76 -36.98 19.24
CA GLY A 397 -4.39 -37.49 19.31
C GLY A 397 -3.75 -37.58 20.67
N ARG A 398 -3.63 -38.81 21.21
CA ARG A 398 -3.01 -39.11 22.50
C ARG A 398 -1.64 -39.71 22.25
N ILE A 399 -0.57 -38.99 22.67
CA ILE A 399 0.81 -39.42 22.46
C ILE A 399 1.68 -39.15 23.71
N THR A 400 2.81 -39.87 23.81
CA THR A 400 3.79 -39.80 24.90
C THR A 400 4.56 -38.47 24.94
N GLU A 401 5.25 -38.22 26.06
CA GLU A 401 6.07 -37.04 26.35
C GLU A 401 7.20 -36.84 25.32
N GLU A 402 7.61 -37.93 24.63
CA GLU A 402 8.66 -37.91 23.61
C GLU A 402 8.21 -37.15 22.35
N GLU A 403 7.05 -37.53 21.77
CA GLU A 403 6.47 -36.90 20.58
C GLU A 403 5.93 -35.51 20.89
N GLN A 404 5.72 -35.21 22.19
CA GLN A 404 5.26 -33.92 22.70
C GLN A 404 6.39 -32.90 22.53
N LEU A 405 7.66 -33.35 22.67
CA LEU A 405 8.87 -32.54 22.49
C LEU A 405 9.06 -32.21 21.03
N GLN A 406 8.78 -33.19 20.14
CA GLN A 406 8.91 -33.05 18.68
C GLN A 406 7.99 -31.97 18.10
N LEU A 407 6.70 -31.93 18.53
CA LEU A 407 5.71 -30.94 18.10
C LEU A 407 6.09 -29.53 18.54
N ARG A 408 6.41 -29.33 19.84
CA ARG A 408 6.83 -28.03 20.40
C ARG A 408 8.09 -27.52 19.70
N GLU A 409 8.97 -28.45 19.31
CA GLU A 409 10.21 -28.17 18.61
C GLU A 409 9.94 -27.67 17.18
N ILE A 410 9.15 -28.43 16.40
CA ILE A 410 8.87 -28.12 14.99
C ILE A 410 7.88 -26.96 14.81
N LEU A 411 6.78 -26.90 15.60
CA LEU A 411 5.78 -25.81 15.48
C LEU A 411 6.37 -24.42 15.78
N GLU A 412 7.33 -24.34 16.72
CA GLU A 412 8.01 -23.10 17.09
C GLU A 412 9.06 -22.72 16.03
N ARG A 413 9.68 -23.74 15.39
CA ARG A 413 10.68 -23.60 14.32
C ARG A 413 9.98 -23.17 13.01
N GLY A 417 9.00 -22.02 6.47
CA GLY A 417 8.82 -23.08 7.46
C GLY A 417 8.40 -24.45 6.91
N GLU A 418 9.16 -24.95 5.91
CA GLU A 418 8.95 -26.24 5.23
C GLU A 418 9.20 -27.41 6.19
N LEU A 419 8.38 -28.49 6.08
CA LEU A 419 8.44 -29.70 6.93
C LEU A 419 8.69 -30.96 6.12
N TYR A 420 8.79 -32.13 6.83
CA TYR A 420 8.96 -33.47 6.27
C TYR A 420 7.61 -34.19 6.40
N GLU A 421 7.29 -35.07 5.43
CA GLU A 421 5.99 -35.77 5.36
C GLU A 421 5.60 -36.61 6.60
N HIS A 422 6.58 -37.08 7.40
CA HIS A 422 6.27 -37.80 8.64
C HIS A 422 5.83 -36.79 9.74
N GLU A 423 6.43 -35.59 9.74
CA GLU A 423 6.13 -34.49 10.67
C GLU A 423 4.77 -33.88 10.38
N LYS A 424 4.34 -33.88 9.10
CA LYS A 424 3.04 -33.34 8.68
C LYS A 424 1.94 -34.22 9.26
N ASP A 425 2.20 -35.56 9.29
CA ASP A 425 1.31 -36.57 9.86
C ASP A 425 1.18 -36.36 11.38
N LEU A 426 2.27 -35.88 12.04
CA LEU A 426 2.30 -35.59 13.47
C LEU A 426 1.46 -34.36 13.79
N VAL A 427 1.71 -33.23 13.08
CA VAL A 427 1.02 -31.94 13.20
C VAL A 427 -0.49 -32.12 12.98
N TRP A 428 -0.89 -33.02 12.07
CA TRP A 428 -2.29 -33.31 11.81
C TRP A 428 -2.91 -34.14 12.94
N LYS A 429 -2.16 -35.13 13.47
CA LYS A 429 -2.60 -35.99 14.58
C LYS A 429 -2.71 -35.19 15.90
N MET A 430 -1.92 -34.11 16.04
CA MET A 430 -1.89 -33.23 17.21
C MET A 430 -2.52 -31.85 16.87
N ARG A 431 -3.55 -31.81 16.00
CA ARG A 431 -4.22 -30.58 15.58
C ARG A 431 -5.10 -29.94 16.67
N HIS A 432 -5.55 -30.72 17.65
CA HIS A 432 -6.38 -30.24 18.77
C HIS A 432 -5.47 -29.54 19.77
N GLU A 433 -4.23 -30.06 19.91
CA GLU A 433 -3.14 -29.53 20.74
C GLU A 433 -2.66 -28.18 20.19
N VAL A 434 -2.70 -28.00 18.84
CA VAL A 434 -2.32 -26.76 18.17
C VAL A 434 -3.31 -25.68 18.62
N GLN A 435 -4.62 -25.87 18.37
CA GLN A 435 -5.72 -24.96 18.75
C GLN A 435 -5.64 -24.53 20.22
N GLU A 436 -5.31 -25.48 21.09
CA GLU A 436 -5.23 -25.30 22.54
C GLU A 436 -3.89 -24.65 22.98
N HIS A 437 -2.74 -25.34 22.80
CA HIS A 437 -1.41 -24.92 23.23
C HIS A 437 -0.67 -23.94 22.29
N PHE A 438 -0.75 -24.11 20.96
CA PHE A 438 -0.03 -23.24 20.01
C PHE A 438 -0.96 -22.63 18.94
N PRO A 439 -1.95 -21.77 19.28
CA PRO A 439 -2.86 -21.26 18.24
C PRO A 439 -2.22 -20.53 17.05
N GLU A 440 -1.13 -19.76 17.29
CA GLU A 440 -0.43 -19.00 16.24
C GLU A 440 0.22 -19.89 15.15
N ALA A 441 0.30 -21.22 15.41
CA ALA A 441 0.81 -22.23 14.47
C ALA A 441 -0.28 -22.69 13.47
N LEU A 442 -1.47 -22.03 13.51
CA LEU A 442 -2.63 -22.26 12.62
C LEU A 442 -2.23 -22.40 11.15
N ALA A 443 -1.37 -21.49 10.63
CA ALA A 443 -0.87 -21.48 9.26
C ALA A 443 -0.14 -22.76 8.87
N ARG A 444 0.67 -23.32 9.81
CA ARG A 444 1.43 -24.55 9.57
C ARG A 444 0.45 -25.67 9.40
N LEU A 445 -0.49 -25.79 10.36
CA LEU A 445 -1.54 -26.76 10.38
C LEU A 445 -2.40 -26.66 9.11
N LEU A 446 -2.80 -25.44 8.71
CA LEU A 446 -3.62 -25.23 7.52
C LEU A 446 -2.86 -25.75 6.31
N LEU A 447 -1.53 -25.58 6.28
CA LEU A 447 -0.69 -26.06 5.19
C LEU A 447 -0.56 -27.57 5.18
N VAL A 448 -0.53 -28.24 6.36
CA VAL A 448 -0.41 -29.70 6.38
C VAL A 448 -1.78 -30.36 6.11
N THR A 449 -2.87 -29.56 6.02
CA THR A 449 -4.19 -30.12 5.73
C THR A 449 -4.23 -30.55 4.26
N LYS A 450 -4.74 -31.78 4.04
CA LYS A 450 -4.94 -32.38 2.72
C LYS A 450 -6.19 -31.70 2.15
N TRP A 451 -6.01 -30.58 1.41
CA TRP A 451 -7.12 -29.81 0.87
C TRP A 451 -7.86 -30.49 -0.29
N ASN A 452 -7.36 -31.65 -0.77
CA ASN A 452 -7.98 -32.45 -1.83
C ASN A 452 -8.85 -33.58 -1.27
N LYS A 453 -9.14 -33.55 0.06
CA LYS A 453 -9.95 -34.58 0.72
C LYS A 453 -10.88 -33.88 1.71
N HIS A 454 -12.18 -33.79 1.35
CA HIS A 454 -13.26 -33.10 2.08
C HIS A 454 -13.43 -33.48 3.57
N GLU A 455 -13.04 -34.71 3.97
CA GLU A 455 -13.12 -35.21 5.35
C GLU A 455 -12.13 -34.42 6.20
N ASP A 456 -10.88 -34.29 5.71
CA ASP A 456 -9.79 -33.56 6.37
C ASP A 456 -10.11 -32.07 6.46
N VAL A 457 -10.57 -31.49 5.33
CA VAL A 457 -10.98 -30.09 5.18
C VAL A 457 -12.14 -29.81 6.16
N ALA A 458 -13.12 -30.75 6.26
CA ALA A 458 -14.25 -30.66 7.20
C ALA A 458 -13.75 -30.65 8.65
N GLN A 459 -12.73 -31.46 8.96
CA GLN A 459 -12.11 -31.51 10.30
C GLN A 459 -11.35 -30.21 10.63
N MET A 460 -10.73 -29.57 9.60
CA MET A 460 -9.97 -28.32 9.75
C MET A 460 -10.89 -27.11 10.05
N LEU A 461 -12.00 -26.97 9.30
CA LEU A 461 -12.96 -25.89 9.50
C LEU A 461 -13.68 -26.00 10.84
N TYR A 462 -13.68 -27.20 11.46
CA TYR A 462 -14.25 -27.40 12.78
C TYR A 462 -13.38 -26.73 13.82
N LEU A 463 -12.05 -26.85 13.66
CA LEU A 463 -11.09 -26.21 14.57
C LEU A 463 -11.00 -24.72 14.25
N LEU A 464 -11.08 -24.36 12.96
CA LEU A 464 -11.00 -22.97 12.52
C LEU A 464 -12.15 -22.12 13.06
N CYS A 465 -13.38 -22.63 13.00
CA CYS A 465 -14.56 -21.91 13.48
C CYS A 465 -14.58 -21.85 15.00
N SER A 466 -13.85 -22.75 15.67
CA SER A 466 -13.69 -22.77 17.13
C SER A 466 -12.30 -22.16 17.52
N TRP A 467 -11.55 -21.59 16.55
CA TRP A 467 -10.20 -21.06 16.79
C TRP A 467 -10.19 -19.69 17.48
N PRO A 468 -9.30 -19.45 18.49
CA PRO A 468 -9.17 -18.10 19.06
C PRO A 468 -8.65 -17.07 18.03
N GLU A 469 -9.05 -15.78 18.19
CA GLU A 469 -8.58 -14.69 17.32
C GLU A 469 -7.07 -14.52 17.47
N LEU A 470 -6.38 -14.32 16.36
CA LEU A 470 -4.92 -14.19 16.36
C LEU A 470 -4.45 -12.75 16.32
N PRO A 471 -3.16 -12.44 16.63
CA PRO A 471 -2.66 -11.07 16.44
C PRO A 471 -2.55 -10.72 14.95
N VAL A 472 -2.69 -9.43 14.66
CA VAL A 472 -2.66 -8.83 13.31
C VAL A 472 -1.49 -9.37 12.43
N LEU A 473 -0.35 -9.75 13.02
CA LEU A 473 0.75 -10.30 12.23
C LEU A 473 0.41 -11.65 11.57
N SER A 474 -0.22 -12.53 12.35
CA SER A 474 -0.68 -13.86 11.94
C SER A 474 -1.79 -13.76 10.90
N ALA A 475 -2.78 -12.85 11.13
CA ALA A 475 -3.90 -12.60 10.22
C ALA A 475 -3.41 -12.13 8.83
N LEU A 476 -2.44 -11.19 8.79
CA LEU A 476 -1.84 -10.66 7.56
C LEU A 476 -1.19 -11.80 6.78
N GLU A 477 -0.60 -12.78 7.51
CA GLU A 477 0.02 -13.94 6.88
C GLU A 477 -1.07 -14.82 6.24
N LEU A 478 -2.27 -14.93 6.86
CA LEU A 478 -3.34 -15.74 6.29
C LEU A 478 -3.97 -15.15 5.02
N LEU A 479 -3.69 -13.84 4.72
CA LEU A 479 -4.20 -13.14 3.54
C LEU A 479 -3.50 -13.59 2.27
N ASP A 480 -2.37 -14.27 2.43
CA ASP A 480 -1.63 -14.76 1.29
C ASP A 480 -2.39 -15.83 0.52
N PHE A 481 -2.08 -15.95 -0.78
CA PHE A 481 -2.66 -16.88 -1.72
C PHE A 481 -2.37 -18.37 -1.34
N SER A 482 -1.41 -18.58 -0.41
CA SER A 482 -1.02 -19.86 0.18
C SER A 482 -2.19 -20.44 0.96
N PHE A 483 -3.09 -19.57 1.45
CA PHE A 483 -4.30 -19.97 2.19
C PHE A 483 -5.53 -19.47 1.41
N PRO A 484 -5.85 -20.14 0.26
CA PRO A 484 -6.99 -19.69 -0.56
C PRO A 484 -8.38 -19.99 -0.02
N ASP A 485 -8.53 -20.73 1.09
CA ASP A 485 -9.87 -21.04 1.56
C ASP A 485 -10.65 -19.80 1.93
N CYS A 486 -11.96 -19.74 1.55
CA CYS A 486 -12.80 -18.57 1.81
C CYS A 486 -13.13 -18.37 3.30
N TYR A 487 -13.23 -19.47 4.10
CA TYR A 487 -13.46 -19.36 5.53
C TYR A 487 -12.21 -18.89 6.28
N VAL A 488 -11.02 -19.21 5.73
CA VAL A 488 -9.70 -18.84 6.24
C VAL A 488 -9.49 -17.37 5.96
N GLY A 489 -9.94 -16.91 4.80
CA GLY A 489 -9.91 -15.50 4.40
C GLY A 489 -10.77 -14.69 5.34
N SER A 490 -11.98 -15.20 5.64
CA SER A 490 -12.97 -14.64 6.54
C SER A 490 -12.45 -14.61 7.99
N PHE A 491 -11.69 -15.64 8.38
CA PHE A 491 -11.12 -15.74 9.74
C PHE A 491 -10.00 -14.71 9.89
N ALA A 492 -9.17 -14.54 8.86
CA ALA A 492 -8.04 -13.62 8.83
C ALA A 492 -8.54 -12.20 9.02
N ILE A 493 -9.61 -11.82 8.30
CA ILE A 493 -10.30 -10.53 8.33
C ILE A 493 -10.95 -10.29 9.71
N LYS A 494 -11.54 -11.35 10.32
CA LYS A 494 -12.15 -11.31 11.65
C LYS A 494 -11.05 -10.88 12.64
N SER A 495 -9.83 -11.45 12.50
CA SER A 495 -8.65 -11.14 13.33
C SER A 495 -7.94 -9.81 12.98
N LEU A 496 -8.41 -9.12 11.93
CA LEU A 496 -7.87 -7.85 11.45
C LEU A 496 -8.79 -6.71 11.81
N ARG A 497 -10.07 -7.00 12.12
CA ARG A 497 -11.05 -5.99 12.51
C ARG A 497 -10.51 -5.09 13.64
N LYS A 498 -9.53 -5.61 14.41
CA LYS A 498 -8.88 -4.96 15.56
C LYS A 498 -7.90 -3.94 15.13
N LEU A 499 -7.52 -3.94 13.84
CA LEU A 499 -6.60 -2.96 13.25
C LEU A 499 -7.09 -1.56 13.59
N THR A 500 -6.19 -0.68 13.91
CA THR A 500 -6.49 0.71 14.17
C THR A 500 -6.55 1.38 12.79
N ASP A 501 -7.24 2.54 12.67
CA ASP A 501 -7.24 3.21 11.36
C ASP A 501 -5.80 3.62 10.96
N ASP A 502 -4.91 3.83 11.94
CA ASP A 502 -3.50 4.16 11.66
C ASP A 502 -2.75 2.93 11.14
N GLU A 503 -2.99 1.72 11.74
CA GLU A 503 -2.39 0.45 11.29
C GLU A 503 -2.92 0.04 9.91
N LEU A 504 -4.25 0.01 9.74
CA LEU A 504 -4.91 -0.26 8.48
C LEU A 504 -4.31 0.57 7.34
N PHE A 505 -4.15 1.89 7.58
CA PHE A 505 -3.53 2.83 6.64
C PHE A 505 -2.07 2.42 6.30
N GLN A 506 -1.34 1.86 7.30
CA GLN A 506 0.03 1.41 7.06
C GLN A 506 0.08 0.16 6.11
N TYR A 507 -0.93 -0.74 6.21
CA TYR A 507 -0.99 -1.97 5.38
C TYR A 507 -2.01 -1.92 4.22
N LEU A 508 -2.69 -0.78 4.01
CA LEU A 508 -3.68 -0.57 2.95
C LEU A 508 -3.19 -0.95 1.55
N LEU A 509 -1.94 -0.68 1.23
CA LEU A 509 -1.41 -1.03 -0.09
C LEU A 509 -1.42 -2.54 -0.33
N GLN A 510 -1.06 -3.32 0.70
CA GLN A 510 -0.96 -4.76 0.62
C GLN A 510 -2.35 -5.37 0.54
N LEU A 511 -3.29 -4.84 1.33
CA LEU A 511 -4.68 -5.27 1.36
C LEU A 511 -5.33 -4.98 0.02
N VAL A 512 -4.87 -3.95 -0.67
CA VAL A 512 -5.35 -3.63 -2.00
C VAL A 512 -4.82 -4.71 -2.96
N GLN A 513 -3.57 -5.21 -2.79
CA GLN A 513 -3.02 -6.23 -3.70
C GLN A 513 -3.69 -7.56 -3.50
N VAL A 514 -4.08 -7.89 -2.24
CA VAL A 514 -4.81 -9.12 -1.90
C VAL A 514 -6.12 -9.15 -2.72
N LEU A 515 -6.71 -7.96 -3.01
CA LEU A 515 -7.94 -7.84 -3.80
C LEU A 515 -7.83 -8.52 -5.15
N LYS A 516 -6.60 -8.63 -5.68
CA LYS A 516 -6.30 -9.27 -6.97
C LYS A 516 -6.24 -10.77 -6.86
N TYR A 517 -5.98 -11.32 -5.65
CA TYR A 517 -5.97 -12.76 -5.37
C TYR A 517 -7.42 -13.25 -5.22
N GLU A 518 -8.40 -12.34 -4.97
CA GLU A 518 -9.80 -12.70 -4.78
C GLU A 518 -10.37 -13.35 -6.01
N SER A 519 -11.18 -14.39 -5.80
CA SER A 519 -11.83 -15.22 -6.79
C SER A 519 -13.21 -14.72 -7.22
N TYR A 520 -13.95 -14.06 -6.29
CA TYR A 520 -15.31 -13.54 -6.53
C TYR A 520 -15.39 -12.09 -6.11
N LEU A 521 -16.24 -11.30 -6.81
CA LEU A 521 -16.45 -9.88 -6.54
C LEU A 521 -16.92 -9.62 -5.13
N ASP A 522 -18.02 -10.25 -4.69
CA ASP A 522 -18.49 -10.04 -3.32
C ASP A 522 -17.70 -10.92 -2.33
N CYS A 523 -16.69 -10.31 -1.71
CA CYS A 523 -15.83 -10.97 -0.75
C CYS A 523 -15.74 -10.14 0.53
N GLU A 524 -15.36 -10.78 1.64
CA GLU A 524 -15.21 -10.17 2.97
C GLU A 524 -14.14 -9.06 3.00
N LEU A 525 -13.04 -9.19 2.25
CA LEU A 525 -12.01 -8.15 2.20
C LEU A 525 -12.51 -6.82 1.64
N THR A 526 -13.30 -6.86 0.52
CA THR A 526 -13.93 -5.74 -0.17
C THR A 526 -14.92 -5.06 0.75
N LYS A 527 -15.78 -5.86 1.42
CA LYS A 527 -16.78 -5.37 2.37
C LYS A 527 -16.09 -4.59 3.50
N PHE A 528 -14.98 -5.14 4.05
CA PHE A 528 -14.12 -4.56 5.10
C PHE A 528 -13.44 -3.25 4.69
N LEU A 529 -12.73 -3.23 3.53
CA LEU A 529 -12.03 -2.01 3.06
C LEU A 529 -13.01 -0.90 2.70
N LEU A 530 -14.25 -1.26 2.26
CA LEU A 530 -15.29 -0.27 1.95
C LEU A 530 -15.84 0.35 3.25
N GLY A 531 -16.26 -0.49 4.22
CA GLY A 531 -16.71 -0.04 5.54
C GLY A 531 -15.66 0.77 6.29
N ARG A 532 -14.35 0.40 6.17
CA ARG A 532 -13.31 1.20 6.86
C ARG A 532 -13.05 2.56 6.17
N ALA A 533 -13.16 2.59 4.82
CA ALA A 533 -13.00 3.76 3.95
C ALA A 533 -14.11 4.74 4.21
N LEU A 534 -15.32 4.26 4.42
CA LEU A 534 -16.46 5.15 4.63
C LEU A 534 -16.48 5.70 6.06
N ALA A 535 -15.74 5.05 6.99
CA ALA A 535 -15.62 5.44 8.39
C ALA A 535 -14.40 6.32 8.61
N ASN A 536 -13.59 6.54 7.55
CA ASN A 536 -12.38 7.35 7.60
C ASN A 536 -12.08 7.92 6.23
N ARG A 537 -12.19 9.26 6.11
CA ARG A 537 -11.98 9.99 4.88
C ARG A 537 -10.54 9.85 4.29
N LYS A 538 -9.47 9.78 5.14
CA LYS A 538 -8.10 9.55 4.67
C LYS A 538 -7.95 8.14 4.02
N ILE A 539 -8.48 7.05 4.69
CA ILE A 539 -8.48 5.67 4.17
C ILE A 539 -9.26 5.67 2.83
N GLY A 540 -10.42 6.35 2.84
CA GLY A 540 -11.26 6.51 1.68
C GLY A 540 -10.51 7.11 0.51
N HIS A 541 -9.77 8.21 0.80
CA HIS A 541 -8.96 8.92 -0.18
C HIS A 541 -7.97 7.99 -0.88
N PHE A 542 -7.09 7.31 -0.11
CA PHE A 542 -6.04 6.40 -0.60
C PHE A 542 -6.60 5.16 -1.24
N LEU A 543 -7.64 4.52 -0.65
CA LEU A 543 -8.29 3.36 -1.28
C LEU A 543 -8.75 3.73 -2.68
N PHE A 544 -9.43 4.91 -2.86
CA PHE A 544 -9.85 5.43 -4.16
C PHE A 544 -8.69 5.48 -5.14
N TRP A 545 -7.57 6.14 -4.77
CA TRP A 545 -6.41 6.29 -5.64
C TRP A 545 -5.67 4.99 -5.92
N HIS A 546 -5.58 4.06 -4.94
CA HIS A 546 -4.89 2.79 -5.16
C HIS A 546 -5.61 1.98 -6.24
N LEU A 547 -6.96 2.10 -6.27
CA LEU A 547 -7.85 1.43 -7.23
C LEU A 547 -7.89 2.17 -8.58
N ARG A 548 -8.12 3.49 -8.58
CA ARG A 548 -8.15 4.37 -9.77
C ARG A 548 -6.87 4.32 -10.59
N SER A 549 -5.71 4.15 -9.92
CA SER A 549 -4.41 4.10 -10.57
C SER A 549 -4.19 2.86 -11.45
N GLU A 550 -4.97 1.79 -11.24
CA GLU A 550 -4.84 0.54 -11.95
C GLU A 550 -6.02 0.21 -12.88
N MET A 551 -6.83 1.23 -13.22
CA MET A 551 -8.00 1.11 -14.08
C MET A 551 -7.67 0.83 -15.53
N HIS A 552 -6.41 1.03 -15.92
CA HIS A 552 -5.90 0.78 -17.26
C HIS A 552 -5.56 -0.71 -17.40
N VAL A 553 -5.31 -1.41 -16.27
CA VAL A 553 -5.02 -2.84 -16.27
C VAL A 553 -6.34 -3.58 -16.52
N PRO A 554 -6.47 -4.27 -17.67
CA PRO A 554 -7.75 -4.92 -18.01
C PRO A 554 -8.25 -6.02 -17.08
N SER A 555 -7.33 -6.71 -16.36
CA SER A 555 -7.73 -7.79 -15.45
C SER A 555 -8.42 -7.30 -14.17
N VAL A 556 -8.14 -6.04 -13.76
CA VAL A 556 -8.68 -5.45 -12.53
C VAL A 556 -9.68 -4.28 -12.76
N ALA A 557 -9.78 -3.76 -13.99
CA ALA A 557 -10.66 -2.64 -14.30
C ALA A 557 -12.15 -2.84 -13.94
N LEU A 558 -12.66 -4.10 -13.94
CA LEU A 558 -14.05 -4.38 -13.56
C LEU A 558 -14.20 -4.37 -12.06
N ARG A 559 -13.31 -5.07 -11.34
CA ARG A 559 -13.37 -5.16 -9.89
C ARG A 559 -13.17 -3.78 -9.24
N PHE A 560 -12.05 -3.13 -9.56
CA PHE A 560 -11.69 -1.82 -9.03
C PHE A 560 -12.72 -0.73 -9.38
N GLY A 561 -13.24 -0.73 -10.62
CA GLY A 561 -14.27 0.22 -11.06
C GLY A 561 -15.56 0.07 -10.29
N LEU A 562 -15.88 -1.18 -9.87
CA LEU A 562 -17.06 -1.53 -9.07
C LEU A 562 -16.91 -1.06 -7.64
N ILE A 563 -15.71 -1.25 -7.02
CA ILE A 563 -15.42 -0.83 -5.65
C ILE A 563 -15.56 0.71 -5.51
N MET A 564 -15.01 1.45 -6.50
CA MET A 564 -15.04 2.90 -6.59
C MET A 564 -16.44 3.43 -6.69
N GLU A 565 -17.28 2.77 -7.50
CA GLU A 565 -18.70 3.12 -7.67
C GLU A 565 -19.42 3.02 -6.33
N ALA A 566 -19.24 1.89 -5.61
CA ALA A 566 -19.84 1.63 -4.30
C ALA A 566 -19.41 2.74 -3.34
N TYR A 567 -18.09 3.06 -3.27
CA TYR A 567 -17.53 4.14 -2.43
C TYR A 567 -18.23 5.46 -2.78
N CYS A 568 -18.28 5.81 -4.08
CA CYS A 568 -18.94 7.02 -4.58
C CYS A 568 -20.40 7.17 -4.14
N ARG A 569 -21.15 6.04 -4.05
CA ARG A 569 -22.56 6.00 -3.61
C ARG A 569 -22.70 6.31 -2.12
N GLY A 570 -21.66 5.99 -1.35
CA GLY A 570 -21.62 6.23 0.08
C GLY A 570 -20.91 7.50 0.46
N SER A 571 -20.43 8.27 -0.55
CA SER A 571 -19.69 9.52 -0.36
C SER A 571 -19.74 10.44 -1.58
N THR A 572 -20.94 11.02 -1.82
CA THR A 572 -21.26 11.92 -2.92
C THR A 572 -20.35 13.15 -2.88
N HIS A 573 -20.12 13.72 -1.67
CA HIS A 573 -19.26 14.89 -1.51
C HIS A 573 -17.80 14.58 -1.82
N HIS A 574 -17.22 13.52 -1.20
CA HIS A 574 -15.84 13.12 -1.47
C HIS A 574 -15.61 12.89 -2.97
N MET A 575 -16.58 12.29 -3.69
CA MET A 575 -16.54 12.06 -5.12
C MET A 575 -16.20 13.38 -5.83
N LYS A 576 -16.93 14.45 -5.50
CA LYS A 576 -16.75 15.79 -6.06
C LYS A 576 -15.37 16.37 -5.69
N VAL A 577 -14.81 15.97 -4.51
CA VAL A 577 -13.48 16.40 -4.02
C VAL A 577 -12.44 15.63 -4.82
N LEU A 578 -12.72 14.35 -5.13
CA LEU A 578 -11.81 13.51 -5.93
C LEU A 578 -11.88 13.86 -7.40
N MET A 579 -13.00 14.44 -7.85
CA MET A 579 -13.17 14.89 -9.24
C MET A 579 -12.34 16.11 -9.52
N LYS A 580 -12.23 16.99 -8.54
CA LYS A 580 -11.45 18.21 -8.60
C LYS A 580 -9.96 17.87 -8.72
N GLN A 581 -9.50 16.83 -8.00
CA GLN A 581 -8.12 16.33 -7.99
C GLN A 581 -7.82 15.75 -9.36
N GLY A 582 -8.75 14.90 -9.86
CA GLY A 582 -8.72 14.26 -11.16
C GLY A 582 -8.74 15.23 -12.32
N GLU A 583 -9.31 16.44 -12.11
CA GLU A 583 -9.40 17.52 -13.10
C GLU A 583 -8.07 18.26 -13.17
N ALA A 584 -7.35 18.39 -12.02
CA ALA A 584 -6.03 19.04 -11.94
C ALA A 584 -5.03 18.15 -12.65
N LEU A 585 -5.10 16.83 -12.39
CA LEU A 585 -4.24 15.80 -12.97
C LEU A 585 -4.41 15.65 -14.47
N SER A 586 -5.63 15.94 -14.95
CA SER A 586 -5.93 15.92 -16.37
C SER A 586 -5.10 17.02 -17.03
N LYS A 587 -5.20 18.26 -16.51
CA LYS A 587 -4.51 19.46 -16.99
C LYS A 587 -2.98 19.35 -16.97
N LEU A 588 -2.43 18.73 -15.91
CA LEU A 588 -1.00 18.46 -15.73
C LEU A 588 -0.46 17.56 -16.86
N LYS A 589 -1.23 16.53 -17.29
CA LYS A 589 -0.84 15.64 -18.40
C LYS A 589 -0.71 16.45 -19.67
N ALA A 590 -1.72 17.30 -19.98
CA ALA A 590 -1.68 18.14 -21.18
C ALA A 590 -0.51 19.10 -21.14
N LEU A 591 -0.27 19.74 -20.00
CA LEU A 591 0.81 20.70 -19.75
C LEU A 591 2.19 20.01 -19.85
N ASN A 592 2.28 18.75 -19.40
CA ASN A 592 3.50 17.95 -19.45
C ASN A 592 3.82 17.58 -20.88
N ASP A 593 2.77 17.32 -21.71
CA ASP A 593 2.86 16.98 -23.12
C ASP A 593 3.36 18.17 -23.93
N PHE A 594 2.90 19.39 -23.59
CA PHE A 594 3.37 20.61 -24.23
C PHE A 594 4.87 20.76 -23.92
N VAL A 595 5.25 20.57 -22.63
CA VAL A 595 6.63 20.63 -22.13
C VAL A 595 7.50 19.60 -22.86
N LYS A 596 7.09 18.31 -22.87
CA LYS A 596 7.80 17.21 -23.53
C LYS A 596 8.17 17.51 -24.99
N VAL A 597 7.22 18.09 -25.76
CA VAL A 597 7.37 18.45 -27.17
C VAL A 597 8.29 19.68 -27.30
N SER A 598 7.98 20.77 -26.54
CA SER A 598 8.67 22.06 -26.56
C SER A 598 10.14 22.01 -26.11
N SER A 599 10.45 21.19 -25.06
CA SER A 599 11.78 20.97 -24.48
C SER A 599 12.79 20.43 -25.51
N GLN A 600 12.28 19.77 -26.59
CA GLN A 600 13.06 19.21 -27.68
C GLN A 600 13.51 20.30 -28.64
N LYS A 601 12.59 21.18 -29.02
CA LYS A 601 12.89 22.22 -30.01
C LYS A 601 13.58 23.45 -29.40
N THR A 602 13.03 23.99 -28.30
CA THR A 602 13.54 25.21 -27.68
C THR A 602 14.27 24.96 -26.36
N THR A 603 15.13 25.92 -25.97
CA THR A 603 15.93 25.89 -24.74
C THR A 603 15.03 25.90 -23.50
N LYS A 604 15.53 25.34 -22.36
CA LYS A 604 14.80 25.23 -21.10
C LYS A 604 14.18 26.56 -20.62
N PRO A 605 14.85 27.75 -20.72
CA PRO A 605 14.19 28.99 -20.23
C PRO A 605 12.94 29.36 -21.02
N GLN A 606 12.94 29.02 -22.34
CA GLN A 606 11.86 29.31 -23.26
C GLN A 606 10.66 28.42 -23.01
N THR A 607 10.88 27.10 -22.86
CA THR A 607 9.83 26.12 -22.58
C THR A 607 9.17 26.47 -21.23
N LYS A 608 10.00 26.78 -20.21
CA LYS A 608 9.58 27.14 -18.87
C LYS A 608 8.53 28.25 -18.91
N GLU A 609 8.72 29.26 -19.78
CA GLU A 609 7.84 30.42 -19.92
C GLU A 609 6.59 30.13 -20.77
N MET A 610 6.68 29.20 -21.75
CA MET A 610 5.52 28.79 -22.56
C MET A 610 4.59 27.90 -21.70
N MET A 611 5.17 27.27 -20.66
CA MET A 611 4.46 26.48 -19.68
C MET A 611 3.73 27.47 -18.78
N HIS A 612 4.44 28.49 -18.30
CA HIS A 612 3.94 29.56 -17.43
C HIS A 612 2.76 30.32 -18.07
N MET A 613 2.83 30.51 -19.41
CA MET A 613 1.79 31.13 -20.23
C MET A 613 0.56 30.23 -20.21
N CYS A 614 0.76 28.93 -20.55
CA CYS A 614 -0.28 27.92 -20.56
C CYS A 614 -0.98 27.79 -19.20
N MET A 615 -0.20 27.80 -18.11
CA MET A 615 -0.69 27.70 -16.73
C MET A 615 -1.64 28.86 -16.38
N ARG A 616 -1.33 30.06 -16.90
CA ARG A 616 -2.11 31.28 -16.67
C ARG A 616 -3.49 31.28 -17.36
N GLN A 617 -3.75 30.31 -18.27
CA GLN A 617 -5.04 30.15 -18.96
C GLN A 617 -6.16 29.87 -17.96
N GLU A 618 -7.34 30.49 -18.20
CA GLU A 618 -8.57 30.37 -17.42
C GLU A 618 -8.79 28.96 -16.83
N THR A 619 -8.88 27.93 -17.70
CA THR A 619 -9.11 26.52 -17.35
C THR A 619 -8.00 25.92 -16.51
N TYR A 620 -6.74 26.33 -16.72
CA TYR A 620 -5.64 25.83 -15.91
C TYR A 620 -5.68 26.42 -14.50
N MET A 621 -5.93 27.75 -14.38
CA MET A 621 -5.98 28.45 -13.09
C MET A 621 -7.08 27.92 -12.20
N GLU A 622 -8.26 27.65 -12.79
CA GLU A 622 -9.37 27.08 -12.03
C GLU A 622 -9.07 25.65 -11.66
N ALA A 623 -8.66 24.82 -12.63
CA ALA A 623 -8.33 23.41 -12.45
C ALA A 623 -7.27 23.09 -11.38
N LEU A 624 -6.08 23.73 -11.47
CA LEU A 624 -4.92 23.52 -10.62
C LEU A 624 -4.96 24.22 -9.24
N SER A 625 -5.94 25.10 -8.99
CA SER A 625 -6.06 25.80 -7.71
C SER A 625 -7.09 25.14 -6.80
N HIS A 626 -6.97 25.34 -5.48
CA HIS A 626 -7.91 24.94 -4.43
C HIS A 626 -8.33 23.49 -4.54
N LEU A 627 -7.46 22.60 -4.05
CA LEU A 627 -7.70 21.16 -4.07
C LEU A 627 -6.95 20.45 -2.98
N GLN A 628 -7.49 19.35 -2.45
CA GLN A 628 -6.78 18.52 -1.50
C GLN A 628 -5.66 17.84 -2.28
N SER A 629 -4.47 17.74 -1.69
CA SER A 629 -3.38 17.10 -2.41
C SER A 629 -3.62 15.58 -2.50
N PRO A 630 -3.55 14.95 -3.70
CA PRO A 630 -3.74 13.49 -3.79
C PRO A 630 -2.66 12.71 -3.00
N LEU A 631 -1.51 13.33 -2.73
CA LEU A 631 -0.42 12.75 -1.91
C LEU A 631 -0.75 12.87 -0.42
N ASP A 632 -1.62 13.85 -0.03
CA ASP A 632 -2.06 14.11 1.34
C ASP A 632 -3.42 14.86 1.41
N PRO A 633 -4.53 14.22 1.83
CA PRO A 633 -5.79 14.99 1.94
C PRO A 633 -5.72 16.15 2.97
N SER A 634 -4.79 16.11 3.95
CA SER A 634 -4.61 17.16 4.96
C SER A 634 -4.03 18.44 4.35
N THR A 635 -3.25 18.29 3.26
CA THR A 635 -2.59 19.36 2.52
C THR A 635 -3.56 19.90 1.48
N LEU A 636 -3.81 21.21 1.55
CA LEU A 636 -4.66 21.90 0.59
C LEU A 636 -3.74 22.62 -0.36
N LEU A 637 -3.94 22.42 -1.67
CA LEU A 637 -3.15 22.99 -2.74
C LEU A 637 -3.94 24.21 -3.14
N GLU A 638 -3.56 25.38 -2.58
CA GLU A 638 -4.39 26.57 -2.73
C GLU A 638 -4.09 27.39 -3.97
N GLU A 639 -3.14 28.30 -3.87
CA GLU A 639 -2.80 29.20 -4.95
C GLU A 639 -1.52 28.75 -5.64
N VAL A 640 -1.61 28.34 -6.93
CA VAL A 640 -0.46 27.91 -7.71
C VAL A 640 0.50 29.09 -7.99
N CYS A 641 1.78 28.98 -7.56
CA CYS A 641 2.78 29.99 -7.81
C CYS A 641 3.47 29.67 -9.13
N VAL A 642 2.80 30.11 -10.25
CA VAL A 642 3.15 29.91 -11.68
C VAL A 642 4.61 30.22 -11.94
N GLU A 643 5.08 31.39 -11.49
CA GLU A 643 6.47 31.85 -11.64
C GLU A 643 7.50 30.88 -11.01
N GLN A 644 7.11 30.19 -9.91
CA GLN A 644 7.94 29.25 -9.17
C GLN A 644 7.85 27.82 -9.74
N CYS A 645 6.86 27.55 -10.65
CA CYS A 645 6.74 26.21 -11.28
C CYS A 645 7.79 26.03 -12.33
N THR A 646 8.15 24.78 -12.64
CA THR A 646 9.20 24.52 -13.62
C THR A 646 9.05 23.09 -14.05
N PHE A 647 10.12 22.49 -14.59
CA PHE A 647 10.19 21.08 -14.99
C PHE A 647 11.62 20.59 -14.89
N MET A 648 11.82 19.29 -14.94
CA MET A 648 13.13 18.67 -14.87
C MET A 648 13.69 18.36 -16.24
N ASP A 649 15.02 18.26 -16.32
CA ASP A 649 15.75 17.94 -17.54
C ASP A 649 15.96 16.44 -17.71
N SER A 650 15.03 15.66 -17.10
CA SER A 650 14.94 14.19 -17.12
C SER A 650 14.26 13.78 -18.43
N LYS A 651 14.23 12.47 -18.72
CA LYS A 651 13.62 11.99 -19.97
C LYS A 651 12.12 12.22 -20.01
N MET A 652 11.46 12.24 -18.83
CA MET A 652 10.01 12.40 -18.76
C MET A 652 9.57 13.84 -18.56
N LYS A 653 10.54 14.78 -18.49
CA LYS A 653 10.36 16.22 -18.21
C LYS A 653 9.36 16.39 -17.04
N PRO A 654 9.64 15.80 -15.84
CA PRO A 654 8.69 15.92 -14.71
C PRO A 654 8.37 17.37 -14.35
N LEU A 655 7.11 17.67 -14.02
CA LEU A 655 6.74 19.06 -13.70
C LEU A 655 6.73 19.34 -12.23
N TRP A 656 7.31 20.45 -11.84
CA TRP A 656 7.34 20.95 -10.48
C TRP A 656 6.23 21.98 -10.30
N ILE A 657 5.18 21.65 -9.49
CA ILE A 657 4.07 22.61 -9.33
C ILE A 657 4.09 23.21 -7.95
N MET A 658 4.28 24.53 -7.88
CA MET A 658 4.41 25.21 -6.60
C MET A 658 3.15 25.83 -6.15
N TYR A 659 2.90 25.77 -4.86
CA TYR A 659 1.66 26.28 -4.29
C TYR A 659 1.92 27.08 -3.05
N SER A 660 0.99 27.99 -2.71
CA SER A 660 1.07 28.77 -1.48
C SER A 660 -0.31 29.00 -0.92
N SER A 661 -0.41 29.15 0.41
CA SER A 661 -1.66 29.45 1.10
C SER A 661 -1.51 30.67 2.00
N GLU A 662 -2.38 31.69 1.79
CA GLU A 662 -2.40 32.91 2.58
C GLU A 662 -2.84 32.56 4.02
N GLU A 663 -3.80 31.62 4.19
CA GLU A 663 -4.30 31.16 5.49
C GLU A 663 -3.31 30.25 6.24
N ALA A 664 -2.62 29.35 5.52
CA ALA A 664 -1.65 28.42 6.12
C ALA A 664 -0.29 29.03 6.43
N GLY A 665 0.05 30.14 5.79
CA GLY A 665 1.36 30.78 5.96
C GLY A 665 2.47 29.92 5.40
N SER A 666 3.52 29.71 6.20
CA SER A 666 4.69 28.88 5.84
C SER A 666 4.34 27.41 5.54
N ALA A 667 3.28 26.89 6.17
CA ALA A 667 2.80 25.53 6.03
C ALA A 667 2.14 25.28 4.69
N GLY A 668 1.65 26.35 4.06
CA GLY A 668 0.98 26.25 2.76
C GLY A 668 1.95 26.27 1.60
N ASN A 669 3.21 26.60 1.82
CA ASN A 669 4.17 26.65 0.73
C ASN A 669 4.66 25.25 0.46
N VAL A 670 3.96 24.58 -0.44
CA VAL A 670 4.20 23.19 -0.79
C VAL A 670 4.31 23.07 -2.30
N GLY A 671 4.88 21.96 -2.76
CA GLY A 671 5.01 21.62 -4.17
C GLY A 671 4.75 20.15 -4.42
N ILE A 672 4.29 19.84 -5.62
CA ILE A 672 4.05 18.47 -6.11
C ILE A 672 4.87 18.24 -7.40
N ILE A 673 5.29 16.99 -7.67
CA ILE A 673 6.00 16.67 -8.93
C ILE A 673 5.04 15.78 -9.78
N PHE A 674 4.64 16.21 -10.98
CA PHE A 674 3.77 15.36 -11.80
C PHE A 674 4.65 14.63 -12.81
N LYS A 675 4.76 13.30 -12.66
CA LYS A 675 5.56 12.47 -13.56
C LYS A 675 4.71 11.52 -14.41
N ASN A 676 4.72 11.76 -15.72
CA ASN A 676 4.04 10.97 -16.75
C ASN A 676 5.10 10.32 -17.66
N GLY A 677 4.94 9.02 -17.89
CA GLY A 677 5.85 8.19 -18.68
C GLY A 677 6.61 7.16 -17.86
N ASP A 678 6.56 7.30 -16.53
CA ASP A 678 7.27 6.43 -15.59
C ASP A 678 6.35 5.75 -14.61
N ASP A 679 6.68 4.51 -14.22
CA ASP A 679 5.92 3.70 -13.29
C ASP A 679 6.47 3.82 -11.84
N LEU A 680 5.70 4.55 -11.00
CA LEU A 680 6.00 4.93 -9.62
C LEU A 680 5.65 3.92 -8.53
N ARG A 681 5.14 2.74 -8.88
CA ARG A 681 4.77 1.70 -7.92
C ARG A 681 5.94 1.17 -7.07
N GLN A 682 7.16 1.11 -7.59
CA GLN A 682 8.30 0.67 -6.78
C GLN A 682 8.81 1.77 -5.83
N ASP A 683 8.62 3.03 -6.18
CA ASP A 683 9.04 4.13 -5.31
C ASP A 683 8.12 4.19 -4.15
N MET A 684 6.80 4.04 -4.41
CA MET A 684 5.79 4.08 -3.36
C MET A 684 5.96 2.91 -2.40
N LEU A 685 6.39 1.72 -2.87
CA LEU A 685 6.58 0.62 -1.95
C LEU A 685 7.73 0.88 -0.99
N THR A 686 8.90 1.18 -1.56
CA THR A 686 10.14 1.45 -0.86
C THR A 686 9.99 2.53 0.16
N LEU A 687 9.27 3.60 -0.21
CA LEU A 687 9.05 4.74 0.67
C LEU A 687 8.14 4.40 1.81
N GLN A 688 7.19 3.48 1.57
CA GLN A 688 6.22 3.03 2.55
C GLN A 688 6.90 2.10 3.50
N MET A 689 7.85 1.32 2.96
CA MET A 689 8.71 0.45 3.73
C MET A 689 9.63 1.34 4.59
N ILE A 690 10.22 2.42 4.04
CA ILE A 690 11.07 3.36 4.81
C ILE A 690 10.28 4.03 5.98
N GLN A 691 9.07 4.49 5.66
CA GLN A 691 8.13 5.11 6.60
C GLN A 691 7.81 4.13 7.73
N LEU A 692 7.63 2.84 7.40
CA LEU A 692 7.40 1.79 8.37
C LEU A 692 8.57 1.75 9.35
N MET A 693 9.81 1.69 8.84
CA MET A 693 11.05 1.63 9.63
C MET A 693 11.09 2.81 10.56
N ASP A 694 10.71 4.00 10.05
CA ASP A 694 10.62 5.24 10.80
C ASP A 694 9.65 5.10 11.99
N VAL A 695 8.46 4.56 11.75
CA VAL A 695 7.45 4.30 12.77
C VAL A 695 7.97 3.28 13.82
N LEU A 696 8.57 2.17 13.34
CA LEU A 696 9.15 1.11 14.16
C LEU A 696 10.25 1.60 15.07
N TRP A 697 11.11 2.48 14.55
CA TRP A 697 12.21 3.07 15.28
C TRP A 697 11.64 4.09 16.31
N LYS A 698 10.78 5.06 15.87
CA LYS A 698 10.17 6.07 16.75
C LYS A 698 9.44 5.42 17.93
N GLN A 699 8.81 4.25 17.72
CA GLN A 699 8.15 3.49 18.78
C GLN A 699 9.08 2.98 19.86
N GLU A 700 10.37 2.78 19.54
CA GLU A 700 11.40 2.38 20.52
C GLU A 700 12.13 3.65 20.98
N GLY A 701 11.61 4.82 20.58
CA GLY A 701 12.19 6.12 20.89
C GLY A 701 13.44 6.41 20.09
N LEU A 702 13.49 5.90 18.82
CA LEU A 702 14.59 6.17 17.90
C LEU A 702 14.11 7.05 16.76
N ASP A 703 14.43 8.33 16.82
CA ASP A 703 14.07 9.21 15.70
C ASP A 703 15.35 9.42 14.87
N LEU A 704 15.43 8.76 13.70
CA LEU A 704 16.56 8.81 12.80
C LEU A 704 16.38 9.82 11.69
N ARG A 705 15.54 10.84 11.94
CA ARG A 705 15.26 11.99 11.09
C ARG A 705 15.11 11.63 9.63
N MET A 706 14.27 10.60 9.36
CA MET A 706 14.04 10.08 8.01
C MET A 706 13.17 11.03 7.20
N THR A 707 13.22 10.96 5.84
CA THR A 707 12.36 11.80 5.00
C THR A 707 11.57 10.88 4.08
N PRO A 708 10.54 10.17 4.61
CA PRO A 708 9.74 9.30 3.74
C PRO A 708 8.64 10.15 3.06
N TYR A 709 8.99 10.84 1.96
CA TYR A 709 8.13 11.73 1.19
C TYR A 709 7.04 10.98 0.46
N GLY A 710 5.98 11.69 0.09
CA GLY A 710 4.84 11.11 -0.62
C GLY A 710 5.17 10.72 -2.02
N CYS A 711 4.61 9.66 -2.47
CA CYS A 711 4.69 9.16 -3.82
C CYS A 711 3.41 8.38 -4.11
N LEU A 712 2.67 8.81 -5.13
CA LEU A 712 1.42 8.19 -5.46
C LEU A 712 1.19 7.99 -6.96
N PRO A 713 1.16 6.72 -7.44
CA PRO A 713 0.73 6.46 -8.80
C PRO A 713 -0.78 6.80 -8.88
N THR A 714 -1.21 7.50 -9.97
CA THR A 714 -2.58 7.99 -10.14
C THR A 714 -3.23 7.40 -11.39
N GLY A 715 -2.38 6.91 -12.31
CA GLY A 715 -2.80 6.30 -13.56
C GLY A 715 -1.69 5.49 -14.17
N ASP A 716 -1.84 5.24 -15.49
CA ASP A 716 -0.93 4.47 -16.34
C ASP A 716 0.37 5.26 -16.49
N ARG A 717 1.43 4.80 -15.81
CA ARG A 717 2.76 5.43 -15.82
C ARG A 717 2.66 6.91 -15.44
N THR A 718 1.68 7.23 -14.60
CA THR A 718 1.36 8.57 -14.11
C THR A 718 1.25 8.54 -12.60
N GLY A 719 1.77 9.60 -11.99
CA GLY A 719 1.74 9.81 -10.56
C GLY A 719 2.36 11.11 -10.13
N LEU A 720 2.24 11.40 -8.83
CA LEU A 720 2.78 12.58 -8.16
C LEU A 720 3.74 12.13 -7.09
N ILE A 721 4.71 12.96 -6.82
CA ILE A 721 5.73 12.83 -5.78
C ILE A 721 5.69 14.14 -5.02
N GLU A 722 5.95 14.11 -3.74
CA GLU A 722 5.93 15.31 -2.92
C GLU A 722 7.27 16.00 -2.92
N VAL A 723 7.30 17.31 -3.11
CA VAL A 723 8.55 18.08 -3.09
C VAL A 723 8.98 18.24 -1.61
N VAL A 724 10.22 17.89 -1.30
CA VAL A 724 10.84 18.14 -0.01
C VAL A 724 11.71 19.39 -0.28
N LEU A 725 11.24 20.57 0.15
CA LEU A 725 11.88 21.88 -0.11
C LEU A 725 13.18 22.07 0.66
N HIS A 726 13.93 23.15 0.31
CA HIS A 726 15.18 23.47 0.95
C HIS A 726 16.19 22.30 0.92
N SER A 727 16.17 21.52 -0.16
CA SER A 727 17.09 20.38 -0.27
C SER A 727 17.78 20.33 -1.62
N ASP A 728 19.05 19.98 -1.59
CA ASP A 728 19.85 19.87 -2.82
C ASP A 728 20.37 18.45 -2.93
N THR A 729 20.99 18.09 -4.06
CA THR A 729 21.57 16.77 -4.25
C THR A 729 23.05 16.86 -3.84
N ILE A 730 23.62 15.76 -3.28
CA ILE A 730 25.05 15.65 -2.96
C ILE A 730 25.90 16.01 -4.23
N ALA A 731 25.38 15.67 -5.43
CA ALA A 731 25.98 15.98 -6.73
C ALA A 731 26.13 17.51 -6.88
N ASN A 732 25.01 18.26 -7.01
CA ASN A 732 24.99 19.73 -7.15
C ASN A 732 25.88 20.43 -6.11
N ILE A 733 25.88 19.96 -4.86
CA ILE A 733 26.73 20.48 -3.80
C ILE A 733 28.21 20.19 -4.17
N GLN A 734 28.56 18.93 -4.51
CA GLN A 734 29.93 18.54 -4.88
C GLN A 734 30.47 19.22 -6.13
N LEU A 735 29.61 19.83 -7.00
CA LEU A 735 30.07 20.60 -8.19
C LEU A 735 31.12 21.61 -7.80
N ASN A 736 31.06 22.07 -6.52
CA ASN A 736 32.03 22.96 -5.87
C ASN A 736 32.20 24.30 -6.62
N LYS A 737 31.08 24.89 -7.06
CA LYS A 737 31.04 26.14 -7.82
C LYS A 737 31.65 27.31 -7.06
N SER A 738 32.36 28.19 -7.78
CA SER A 738 32.95 29.39 -7.20
C SER A 738 31.85 30.45 -6.94
N ASN A 739 32.19 31.53 -6.17
CA ASN A 739 31.30 32.66 -5.78
C ASN A 739 30.15 32.19 -4.86
N MET A 740 30.07 30.87 -4.64
CA MET A 740 29.13 30.19 -3.75
C MET A 740 29.72 30.17 -2.34
N ALA A 741 28.88 30.02 -1.31
CA ALA A 741 29.37 30.03 0.07
C ALA A 741 30.18 28.75 0.47
N ALA A 742 29.82 27.58 -0.11
CA ALA A 742 30.45 26.28 0.16
C ALA A 742 31.84 26.01 -0.54
N THR A 743 32.26 26.86 -1.54
CA THR A 743 33.55 26.81 -2.30
C THR A 743 34.71 26.21 -1.43
N ALA A 744 34.89 24.87 -1.53
CA ALA A 744 35.82 24.02 -0.77
C ALA A 744 37.22 23.90 -1.34
N ALA A 745 38.22 23.75 -0.46
CA ALA A 745 39.63 23.63 -0.85
C ALA A 745 39.96 22.20 -1.28
N PHE A 746 39.33 21.26 -0.57
CA PHE A 746 39.34 19.82 -0.80
C PHE A 746 37.88 19.42 -0.97
N ASN A 747 37.55 18.63 -2.02
CA ASN A 747 36.17 18.20 -2.28
C ASN A 747 35.49 17.60 -1.07
N LYS A 748 36.18 16.80 -0.24
CA LYS A 748 35.64 16.21 0.99
C LYS A 748 34.94 17.23 1.86
N ASP A 749 35.39 18.49 1.80
CA ASP A 749 34.88 19.61 2.60
C ASP A 749 33.60 20.25 2.13
N ALA A 750 33.29 20.21 0.81
CA ALA A 750 32.14 20.85 0.18
C ALA A 750 30.86 20.71 0.97
N LEU A 751 30.46 19.43 1.23
CA LEU A 751 29.26 19.03 1.95
C LEU A 751 29.15 19.63 3.35
N LEU A 752 30.26 19.65 4.08
CA LEU A 752 30.31 20.25 5.42
C LEU A 752 30.32 21.80 5.30
N ASN A 753 31.04 22.36 4.33
CA ASN A 753 31.05 23.80 4.08
C ASN A 753 29.67 24.30 3.78
N TRP A 754 28.88 23.47 3.08
CA TRP A 754 27.51 23.70 2.68
C TRP A 754 26.66 23.75 3.94
N LEU A 755 26.72 22.70 4.82
CA LEU A 755 26.00 22.71 6.09
C LEU A 755 26.42 23.90 6.95
N LYS A 756 27.72 24.21 7.02
CA LYS A 756 28.27 25.35 7.76
C LYS A 756 27.59 26.63 7.28
N SER A 757 27.38 26.76 5.94
CA SER A 757 26.77 27.91 5.27
C SER A 757 25.28 28.06 5.54
N LYS A 758 24.57 26.93 5.76
CA LYS A 758 23.11 26.89 5.98
C LYS A 758 22.76 26.91 7.45
N ASN A 759 23.74 26.64 8.31
CA ASN A 759 23.55 26.55 9.76
C ASN A 759 24.66 27.29 10.43
N PRO A 760 24.55 28.64 10.51
CA PRO A 760 25.67 29.41 11.06
C PRO A 760 25.83 29.28 12.58
N GLY A 761 27.10 29.32 13.01
CA GLY A 761 27.52 29.22 14.41
C GLY A 761 27.16 27.92 15.10
N GLU A 762 26.40 28.03 16.20
CA GLU A 762 25.96 26.92 17.03
C GLU A 762 24.99 25.97 16.36
N ALA A 763 24.26 26.43 15.33
CA ALA A 763 23.30 25.58 14.63
C ALA A 763 23.93 24.39 13.90
N LEU A 764 25.16 24.52 13.39
CA LEU A 764 25.91 23.48 12.65
C LEU A 764 26.01 22.13 13.40
N ASP A 765 26.16 22.20 14.74
CA ASP A 765 26.25 21.03 15.60
C ASP A 765 24.95 20.25 15.56
N ARG A 766 23.80 20.96 15.40
CA ARG A 766 22.52 20.29 15.30
C ARG A 766 22.40 19.65 13.92
N ALA A 767 22.73 20.42 12.87
CA ALA A 767 22.74 19.95 11.48
C ALA A 767 23.63 18.71 11.26
N ILE A 768 24.78 18.59 11.96
CA ILE A 768 25.66 17.40 11.86
C ILE A 768 24.95 16.17 12.45
N GLU A 769 24.32 16.34 13.62
CA GLU A 769 23.55 15.28 14.30
C GLU A 769 22.37 14.81 13.45
N GLU A 770 21.67 15.74 12.74
CA GLU A 770 20.53 15.45 11.85
C GLU A 770 20.99 14.57 10.71
N PHE A 771 22.16 14.89 10.17
CA PHE A 771 22.89 14.21 9.11
C PHE A 771 23.36 12.83 9.59
N THR A 772 23.90 12.75 10.81
CA THR A 772 24.40 11.49 11.35
C THR A 772 23.29 10.48 11.51
N LEU A 773 22.17 10.90 12.15
CA LEU A 773 21.03 10.07 12.42
C LEU A 773 20.39 9.61 11.11
N SER A 774 20.05 10.59 10.20
CA SER A 774 19.44 10.29 8.90
C SER A 774 20.33 9.38 8.05
N CYS A 775 21.64 9.56 8.15
CA CYS A 775 22.65 8.78 7.47
C CYS A 775 22.65 7.36 7.92
N ALA A 776 22.50 7.13 9.25
CA ALA A 776 22.47 5.82 9.88
C ALA A 776 21.24 5.05 9.45
N GLY A 777 20.08 5.68 9.54
CA GLY A 777 18.82 5.10 9.10
C GLY A 777 18.73 4.78 7.62
N TYR A 778 19.43 5.52 6.76
CA TYR A 778 19.44 5.25 5.33
C TYR A 778 20.46 4.19 4.99
N CYS A 779 21.52 4.03 5.81
CA CYS A 779 22.53 2.98 5.59
C CYS A 779 21.81 1.63 5.79
N VAL A 780 20.96 1.52 6.85
CA VAL A 780 20.18 0.34 7.25
C VAL A 780 19.06 0.09 6.23
N ALA A 781 18.31 1.13 5.90
CA ALA A 781 17.21 1.04 4.98
C ALA A 781 17.68 0.49 3.64
N THR A 782 18.77 1.01 3.08
CA THR A 782 19.31 0.57 1.78
C THR A 782 19.90 -0.84 1.89
N TYR A 783 20.52 -1.20 3.05
CA TYR A 783 21.05 -2.55 3.25
C TYR A 783 19.89 -3.55 3.30
N VAL A 784 19.10 -3.49 4.36
CA VAL A 784 17.90 -4.32 4.60
C VAL A 784 17.04 -4.49 3.30
N LEU A 785 16.77 -3.37 2.58
CA LEU A 785 15.90 -3.31 1.40
C LEU A 785 16.56 -3.65 0.07
N GLY A 786 17.87 -3.57 -0.02
CA GLY A 786 18.60 -3.83 -1.25
C GLY A 786 18.60 -2.67 -2.22
N ILE A 787 18.48 -1.44 -1.70
CA ILE A 787 18.48 -0.28 -2.60
C ILE A 787 19.85 -0.14 -3.29
N GLY A 788 19.89 -0.55 -4.53
CA GLY A 788 21.06 -0.44 -5.38
C GLY A 788 20.95 0.76 -6.29
N ASP A 789 22.01 1.01 -7.09
CA ASP A 789 22.15 2.11 -8.04
C ASP A 789 22.22 3.48 -7.35
N ARG A 790 23.02 3.57 -6.27
CA ARG A 790 23.15 4.80 -5.52
C ARG A 790 24.23 5.67 -6.08
N HIS A 791 23.85 6.85 -6.57
CA HIS A 791 24.77 7.84 -7.13
C HIS A 791 24.63 9.10 -6.30
N SER A 792 25.45 10.11 -6.62
CA SER A 792 25.46 11.42 -5.96
C SER A 792 24.18 12.21 -6.29
N ASP A 793 23.56 11.92 -7.44
CA ASP A 793 22.36 12.59 -7.95
C ASP A 793 21.05 12.01 -7.38
N ASN A 794 21.08 10.85 -6.66
CA ASN A 794 19.87 10.33 -6.00
C ASN A 794 19.99 10.27 -4.44
N ILE A 795 20.97 10.96 -3.87
CA ILE A 795 21.20 11.15 -2.43
C ILE A 795 21.10 12.65 -2.25
N MET A 796 20.15 13.05 -1.42
CA MET A 796 19.83 14.45 -1.19
C MET A 796 20.02 14.88 0.22
N ILE A 797 20.18 16.17 0.41
CA ILE A 797 20.38 16.72 1.73
C ILE A 797 19.56 17.97 1.95
N ARG A 798 18.81 17.99 3.04
CA ARG A 798 18.00 19.11 3.46
C ARG A 798 18.93 20.14 4.10
N GLU A 799 18.54 21.44 4.10
CA GLU A 799 19.38 22.50 4.69
C GLU A 799 19.60 22.33 6.21
N SER A 800 18.72 21.52 6.83
CA SER A 800 18.68 21.14 8.23
C SER A 800 19.75 20.10 8.56
N GLY A 801 20.35 19.53 7.52
CA GLY A 801 21.41 18.52 7.68
C GLY A 801 20.99 17.11 7.32
N GLN A 802 19.68 16.88 7.25
CA GLN A 802 19.05 15.59 6.94
C GLN A 802 19.39 15.04 5.57
N LEU A 803 19.80 13.81 5.54
CA LEU A 803 20.15 13.13 4.33
C LEU A 803 19.03 12.21 3.94
N PHE A 804 18.77 12.04 2.64
CA PHE A 804 17.70 11.11 2.22
C PHE A 804 17.90 10.65 0.80
N HIS A 805 17.35 9.51 0.46
CA HIS A 805 17.48 8.93 -0.87
C HIS A 805 16.24 9.13 -1.67
N ILE A 806 16.40 9.14 -2.99
CA ILE A 806 15.35 9.32 -3.97
C ILE A 806 15.61 8.36 -5.14
N ASP A 807 14.60 8.20 -6.01
CA ASP A 807 14.58 7.43 -7.26
C ASP A 807 14.88 5.94 -7.03
N PHE A 808 13.84 5.24 -6.52
CA PHE A 808 13.83 3.83 -6.14
C PHE A 808 13.26 2.89 -7.23
N GLY A 809 13.80 3.01 -8.42
CA GLY A 809 13.42 2.14 -9.52
C GLY A 809 14.01 0.74 -9.41
N HIS A 810 15.08 0.55 -8.57
CA HIS A 810 15.77 -0.75 -8.40
C HIS A 810 16.14 -1.08 -6.94
N PHE A 811 15.36 -2.01 -6.32
CA PHE A 811 15.51 -2.49 -4.94
C PHE A 811 15.74 -4.02 -4.85
N LEU A 812 15.89 -4.57 -3.62
CA LEU A 812 16.11 -5.99 -3.30
C LEU A 812 17.32 -6.57 -4.07
N GLY A 813 18.49 -6.00 -3.81
CA GLY A 813 19.73 -6.39 -4.47
C GLY A 813 19.84 -5.68 -5.80
N ASN A 814 18.88 -5.95 -6.73
CA ASN A 814 18.81 -5.35 -8.07
C ASN A 814 18.41 -3.88 -7.99
N PRO A 827 26.80 -3.61 0.35
CA PRO A 827 25.92 -3.61 1.53
C PRO A 827 25.33 -2.23 1.79
N PHE A 828 26.19 -1.26 2.21
CA PHE A 828 25.90 0.16 2.50
C PHE A 828 26.78 0.97 1.55
N ILE A 829 26.33 2.16 1.17
CA ILE A 829 27.13 3.03 0.30
C ILE A 829 27.50 4.33 1.09
N LEU A 830 28.74 4.39 1.63
CA LEU A 830 29.23 5.52 2.44
C LEU A 830 30.60 6.03 1.99
N THR A 831 30.67 7.27 1.45
CA THR A 831 31.93 7.91 1.00
C THR A 831 32.64 8.65 2.15
N TYR A 832 33.86 9.14 1.93
CA TYR A 832 34.57 9.87 2.98
C TYR A 832 33.98 11.28 3.23
N ASP A 833 33.25 11.90 2.29
CA ASP A 833 32.66 13.21 2.63
C ASP A 833 31.42 13.05 3.55
N PHE A 834 30.81 11.85 3.58
CA PHE A 834 29.73 11.56 4.52
C PHE A 834 30.40 11.33 5.89
N VAL A 835 31.49 10.51 5.93
CA VAL A 835 32.31 10.24 7.12
C VAL A 835 32.88 11.54 7.69
N HIS A 836 33.36 12.46 6.80
CA HIS A 836 33.89 13.77 7.13
C HIS A 836 32.85 14.59 7.93
N VAL A 837 31.59 14.69 7.42
CA VAL A 837 30.52 15.40 8.12
C VAL A 837 30.26 14.79 9.51
N ILE A 838 30.09 13.44 9.61
CA ILE A 838 29.89 12.70 10.86
C ILE A 838 31.01 13.05 11.85
N GLN A 839 32.26 12.97 11.36
CA GLN A 839 33.47 13.28 12.11
C GLN A 839 33.72 14.77 12.37
N GLN A 840 32.81 15.67 11.95
CA GLN A 840 32.89 17.13 12.18
C GLN A 840 34.16 17.76 11.58
N GLY A 841 34.52 17.34 10.37
CA GLY A 841 35.71 17.87 9.71
C GLY A 841 36.99 17.15 10.07
N LYS A 842 37.14 16.76 11.36
CA LYS A 842 38.28 16.01 11.90
C LYS A 842 38.59 14.74 11.10
N THR A 843 39.89 14.38 11.05
CA THR A 843 40.40 13.19 10.33
C THR A 843 40.20 11.90 11.13
N ASN A 844 40.55 11.98 12.41
CA ASN A 844 40.43 10.90 13.36
C ASN A 844 39.40 11.37 14.39
N ASN A 845 38.21 10.74 14.37
CA ASN A 845 37.07 11.02 15.26
C ASN A 845 36.22 9.77 15.40
N SER A 846 36.80 8.75 16.04
CA SER A 846 36.18 7.46 16.31
C SER A 846 35.06 7.58 17.34
N GLU A 847 35.07 8.64 18.18
CA GLU A 847 33.98 8.87 19.12
C GLU A 847 32.71 9.09 18.33
N LYS A 848 32.71 10.07 17.41
CA LYS A 848 31.56 10.41 16.58
C LYS A 848 31.20 9.34 15.55
N PHE A 849 32.22 8.72 14.91
CA PHE A 849 32.00 7.69 13.90
C PHE A 849 31.36 6.42 14.48
N GLU A 850 31.69 6.11 15.73
CA GLU A 850 31.18 4.94 16.42
C GLU A 850 29.79 5.18 16.96
N ARG A 851 29.40 6.45 17.28
CA ARG A 851 27.99 6.69 17.65
C ARG A 851 27.13 6.36 16.43
N PHE A 852 27.57 6.77 15.23
CA PHE A 852 26.92 6.46 13.96
C PHE A 852 26.79 4.92 13.75
N ARG A 853 27.86 4.14 14.06
CA ARG A 853 27.81 2.68 13.96
C ARG A 853 26.87 2.11 15.03
N GLY A 854 26.81 2.78 16.18
CA GLY A 854 25.92 2.46 17.29
C GLY A 854 24.47 2.57 16.88
N TYR A 855 24.09 3.73 16.33
CA TYR A 855 22.77 4.07 15.77
C TYR A 855 22.37 3.09 14.68
N CYS A 856 23.32 2.72 13.80
CA CYS A 856 23.13 1.71 12.75
C CYS A 856 22.72 0.35 13.31
N GLU A 857 23.46 -0.15 14.32
CA GLU A 857 23.21 -1.44 14.98
C GLU A 857 21.92 -1.43 15.73
N ARG A 858 21.64 -0.31 16.47
CA ARG A 858 20.40 -0.14 17.24
C ARG A 858 19.19 -0.22 16.29
N ALA A 859 19.23 0.55 15.20
CA ALA A 859 18.19 0.61 14.17
C ALA A 859 17.97 -0.75 13.48
N TYR A 860 19.07 -1.47 13.16
CA TYR A 860 19.03 -2.79 12.54
C TYR A 860 18.40 -3.87 13.44
N THR A 861 18.79 -3.89 14.73
CA THR A 861 18.25 -4.80 15.73
C THR A 861 16.74 -4.55 15.94
N ILE A 862 16.29 -3.26 15.82
CA ILE A 862 14.86 -2.94 15.94
C ILE A 862 14.08 -3.56 14.77
N LEU A 863 14.61 -3.42 13.51
CA LEU A 863 13.93 -3.94 12.32
C LEU A 863 13.84 -5.45 12.34
N ARG A 864 14.94 -6.16 12.70
CA ARG A 864 14.98 -7.63 12.78
C ARG A 864 13.85 -8.20 13.65
N ARG A 865 13.61 -7.57 14.81
CA ARG A 865 12.56 -7.92 15.75
C ARG A 865 11.19 -7.87 15.05
N HIS A 866 11.03 -6.99 14.03
CA HIS A 866 9.81 -6.87 13.23
C HIS A 866 10.05 -7.42 11.84
N GLY A 867 11.02 -8.33 11.74
CA GLY A 867 11.41 -8.95 10.48
C GLY A 867 10.29 -9.62 9.76
N LEU A 868 9.40 -10.28 10.53
CA LEU A 868 8.26 -11.02 9.99
C LEU A 868 7.21 -10.11 9.40
N LEU A 869 7.02 -8.94 10.01
CA LEU A 869 6.09 -7.93 9.48
C LEU A 869 6.59 -7.52 8.05
N PHE A 870 7.92 -7.32 7.85
CA PHE A 870 8.49 -6.98 6.56
C PHE A 870 8.29 -8.11 5.58
N LEU A 871 8.55 -9.33 6.05
CA LEU A 871 8.35 -10.57 5.31
C LEU A 871 6.91 -10.75 4.83
N HIS A 872 5.92 -10.67 5.75
CA HIS A 872 4.51 -10.81 5.38
C HIS A 872 3.98 -9.68 4.47
N LEU A 873 4.48 -8.43 4.63
CA LEU A 873 4.05 -7.33 3.78
C LEU A 873 4.58 -7.49 2.40
N PHE A 874 5.89 -7.77 2.25
CA PHE A 874 6.52 -8.02 0.96
C PHE A 874 5.86 -9.21 0.26
N ALA A 875 5.52 -10.27 1.01
CA ALA A 875 4.82 -11.43 0.46
C ALA A 875 3.48 -11.03 -0.22
N LEU A 876 2.61 -10.26 0.46
CA LEU A 876 1.32 -9.85 -0.11
C LEU A 876 1.51 -8.90 -1.32
N MET A 877 2.68 -8.21 -1.36
CA MET A 877 3.07 -7.28 -2.42
C MET A 877 3.49 -7.95 -3.73
N ARG A 878 3.52 -9.29 -3.77
CA ARG A 878 3.85 -10.06 -4.97
C ARG A 878 2.75 -9.91 -6.03
N ALA A 879 1.45 -9.90 -5.58
CA ALA A 879 0.22 -9.70 -6.37
C ALA A 879 0.24 -8.43 -7.26
N ALA A 880 0.93 -7.35 -6.79
CA ALA A 880 1.08 -6.02 -7.42
C ALA A 880 1.65 -6.01 -8.84
N GLY A 881 2.25 -7.13 -9.26
CA GLY A 881 2.86 -7.27 -10.57
C GLY A 881 4.11 -6.44 -10.78
N LEU A 882 4.96 -6.33 -9.74
CA LEU A 882 6.23 -5.59 -9.83
C LEU A 882 7.29 -6.55 -10.40
N PRO A 883 8.07 -6.15 -11.45
CA PRO A 883 9.05 -7.10 -12.04
C PRO A 883 10.19 -7.53 -11.11
N GLU A 884 10.55 -6.67 -10.13
CA GLU A 884 11.59 -6.95 -9.13
C GLU A 884 10.99 -7.53 -7.81
N LEU A 885 9.69 -7.93 -7.86
CA LEU A 885 8.93 -8.53 -6.75
C LEU A 885 7.77 -9.40 -7.32
N SER A 886 8.14 -10.57 -7.90
CA SER A 886 7.22 -11.50 -8.57
C SER A 886 7.24 -12.95 -8.05
N CYS A 887 8.31 -13.34 -7.32
CA CYS A 887 8.48 -14.69 -6.77
C CYS A 887 9.16 -14.67 -5.39
N SER A 888 9.32 -15.86 -4.77
CA SER A 888 9.95 -16.04 -3.46
C SER A 888 11.46 -15.74 -3.48
N LYS A 889 12.12 -15.83 -4.66
CA LYS A 889 13.55 -15.53 -4.84
C LYS A 889 13.85 -14.03 -4.61
N ASP A 890 12.81 -13.19 -4.55
CA ASP A 890 12.94 -11.75 -4.31
C ASP A 890 12.74 -11.43 -2.81
N ILE A 891 11.92 -12.23 -2.10
CA ILE A 891 11.70 -12.16 -0.65
C ILE A 891 12.96 -12.73 0.03
N GLN A 892 13.74 -13.51 -0.74
CA GLN A 892 14.99 -14.13 -0.34
C GLN A 892 15.98 -13.10 0.09
N TYR A 893 16.17 -12.03 -0.70
CA TYR A 893 17.09 -10.96 -0.33
C TYR A 893 16.78 -10.50 1.09
N LEU A 894 15.51 -10.19 1.36
CA LEU A 894 15.04 -9.71 2.65
C LEU A 894 15.26 -10.67 3.81
N LYS A 895 15.18 -11.99 3.58
CA LYS A 895 15.45 -12.96 4.65
C LYS A 895 16.93 -12.96 4.94
N ASP A 896 17.78 -12.86 3.88
CA ASP A 896 19.25 -12.78 3.99
C ASP A 896 19.64 -11.53 4.81
N SER A 897 19.23 -10.31 4.35
CA SER A 897 19.51 -8.99 4.96
C SER A 897 19.05 -8.83 6.42
N LEU A 898 17.86 -9.34 6.76
CA LEU A 898 17.33 -9.34 8.13
C LEU A 898 17.83 -10.54 8.97
N ALA A 899 18.64 -11.48 8.36
CA ALA A 899 19.23 -12.67 9.01
C ALA A 899 18.27 -13.31 10.02
N LEU A 900 17.09 -13.71 9.54
CA LEU A 900 16.01 -14.18 10.39
C LEU A 900 16.14 -15.63 10.93
N GLY A 901 16.92 -16.47 10.27
CA GLY A 901 17.10 -17.84 10.73
C GLY A 901 18.25 -17.99 11.71
N LYS A 902 18.63 -16.87 12.38
CA LYS A 902 19.77 -16.74 13.31
C LYS A 902 19.41 -15.97 14.58
N THR A 903 20.12 -16.26 15.69
CA THR A 903 19.97 -15.58 16.99
C THR A 903 20.49 -14.16 16.84
N GLU A 904 19.94 -13.20 17.63
CA GLU A 904 20.34 -11.78 17.52
C GLU A 904 21.86 -11.54 17.46
N GLU A 905 22.65 -12.25 18.29
CA GLU A 905 24.10 -12.06 18.26
C GLU A 905 24.72 -12.52 16.93
N GLU A 906 24.34 -13.73 16.43
CA GLU A 906 24.82 -14.29 15.14
C GLU A 906 24.50 -13.30 14.01
N ALA A 907 23.31 -12.68 14.07
CA ALA A 907 22.82 -11.68 13.13
C ALA A 907 23.61 -10.37 13.22
N LEU A 908 23.94 -9.94 14.47
CA LEU A 908 24.72 -8.73 14.76
C LEU A 908 26.15 -8.88 14.26
N LYS A 909 26.72 -10.09 14.43
CA LYS A 909 28.06 -10.49 13.96
C LYS A 909 28.14 -10.28 12.43
N HIS A 910 27.10 -10.72 11.69
CA HIS A 910 27.03 -10.57 10.24
C HIS A 910 26.90 -9.12 9.84
N PHE A 911 26.09 -8.36 10.60
CA PHE A 911 25.87 -6.95 10.33
C PHE A 911 27.18 -6.19 10.54
N ARG A 912 27.92 -6.52 11.64
CA ARG A 912 29.21 -5.92 11.96
C ARG A 912 30.20 -6.16 10.85
N VAL A 913 30.28 -7.42 10.35
CA VAL A 913 31.12 -7.83 9.22
C VAL A 913 30.73 -7.02 7.95
N LYS A 914 29.42 -6.96 7.63
CA LYS A 914 28.88 -6.21 6.48
C LYS A 914 29.13 -4.69 6.58
N PHE A 915 29.11 -4.16 7.80
CA PHE A 915 29.37 -2.74 8.07
C PHE A 915 30.84 -2.47 7.82
N ASN A 916 31.74 -3.32 8.38
CA ASN A 916 33.19 -3.23 8.22
C ASN A 916 33.62 -3.38 6.77
N GLU A 917 32.90 -4.28 6.04
CA GLU A 917 33.13 -4.54 4.63
C GLU A 917 32.73 -3.36 3.77
N ALA A 918 31.73 -2.58 4.20
CA ALA A 918 31.30 -1.36 3.50
C ALA A 918 32.23 -0.18 3.88
N LEU A 919 32.84 -0.27 5.09
CA LEU A 919 33.79 0.68 5.68
C LEU A 919 35.17 0.54 4.99
N ARG A 920 35.58 -0.71 4.64
CA ARG A 920 36.84 -1.00 3.91
C ARG A 920 36.69 -0.47 2.50
N GLU A 921 35.47 -0.57 1.94
CA GLU A 921 35.06 -0.08 0.62
C GLU A 921 34.96 1.47 0.67
N SER A 922 34.78 2.04 1.89
CA SER A 922 34.72 3.49 2.15
C SER A 922 36.12 4.12 2.14
N TRP A 923 37.16 3.36 2.59
CA TRP A 923 38.56 3.79 2.67
C TRP A 923 39.29 3.78 1.31
N LYS A 924 38.63 3.25 0.25
CA LYS A 924 39.14 3.24 -1.14
C LYS A 924 39.26 4.70 -1.59
N THR A 925 38.21 5.50 -1.25
CA THR A 925 38.04 6.94 -1.50
C THR A 925 39.12 7.72 -0.72
N LYS A 926 39.38 7.30 0.55
CA LYS A 926 40.36 7.93 1.45
C LYS A 926 41.81 7.68 1.06
N VAL A 927 42.11 6.51 0.41
CA VAL A 927 43.46 6.15 -0.08
C VAL A 927 44.08 7.32 -0.87
N ASN A 928 43.24 8.04 -1.66
CA ASN A 928 43.61 9.21 -2.44
C ASN A 928 43.66 10.45 -1.53
#